data_8W8A
#
_entry.id   8W8A
#
loop_
_entity.id
_entity.type
_entity.pdbx_description
1 polymer 'Guanine nucleotide-binding protein G(s) subunit alpha isoforms short'
2 polymer 'Guanine nucleotide-binding protein G(I)/G(S)/G(T) subunit beta-1'
3 polymer 'Guanine nucleotide-binding protein G(I)/G(S)/G(O) subunit gamma-2'
4 polymer Nanobody35
5 polymer 'Trace amine-associated receptor 1'
6 non-polymer (4S)-4-[(2S)-2-phenylbutyl]-1,3-oxazolidin-2-imine
7 water water
#
loop_
_entity_poly.entity_id
_entity_poly.type
_entity_poly.pdbx_seq_one_letter_code
_entity_poly.pdbx_strand_id
1 'polypeptide(L)'
;GGSGGSMGSTVSAEDKAAAERSKMIDKNLREDGEKAAAATHRLLLLGADNSGKSTIVKQMRIYHVNSGIFETKFQVDKVN
FHMFDVGAQRDERRKWIQCFNDVTAIIFVVDSSDYNRLQEALNDFKSIWNNRWLRTISVILFLNKQDLLAEKVLAGKSKI
EDYFPEFARYTTPEDATPEPGEDPRVTRAKYFIRDEFLRISTASGDGRHYCYPHFTCSVDTENARRIFNDCRDIIQRMHL
RQYELL
;
A
2 'polypeptide(L)'
;MGSLLQSELDQLRQEAEQLKNQIRDARKACADATLSQITNNIDPVGRIQMRTRRTLRGHLAKIYAMHWGTDSRLLVSASQ
DGKLIIWDSYTTNKVHAIPLRSSWVMTCAYAPSGNYVACGGLDNICSIYNLKTREGNVRVSRELAGHTGYLSCCRFLDDN
QIVTSSGDTTCALWDIETGQQTTTFTGHTGDVMSLSLAPDTRLFVSGACDASAKLWDVREGMCRQTFTGHESDINAICFF
PNGNAFATGSDDATCRLFDLRADQELMTYSHDNIICGITSVSFSKSGRLLLAGYDDFNCNVWDALKADRAGVLAGHDNRV
SCLGVTDDGMAVATGSWDSFLKIWN
;
B
3 'polypeptide(L)' MASNNTASIAQARKLVEQLKMEANIDRIKVSKAAADLMAYCEAHAKEDPLLTPVPASENPFREKKFFCAIL G
4 'polypeptide(L)'
;MQVQLQESGGGLVQPGGSLRLSCAASGFTFSNYKMNWVRQAPGKGLEWVSDISQSGASISYTGSVKGRFTISRDNAKNTL
YLQMNSLKPEDTAVYYCARCPAPFTRDCFDVTSTTYAYRGQGTQVTVSSHHHHHHEPEA
;
N
5 'polypeptide(L)'
;MMPFCHNIINISCVKNNWSNDVRASLYSLMVLIILTTLVGNLIVIVSISHFKQLHTPTNWLIHSMATVDFLLGCLVMPYS
MVRSAEHCWYFGEVFCKIHTSTDIMLSSASIFHLSFISIDRYYAVCDPLRYKAKMNILVICVMIFISWSVPAVFAFGMIF
LELNFKGAEEIYYKHVHCRGGCSVFFSKISGVLTFMTSFYIPGSIMLCVYYRIYLIAKEQARLISDANQKLQIGLEMKNG
ISQSKERKAVKTLGIVMGVFLICWCPFFICTVMDPFLHYIIPPTLNDVLIWFGYLNSTFNPMVYAFFYPWFRKALKMMLF
GKIFQKDSSRCKLFLELSS
;
R
#
loop_
_chem_comp.id
_chem_comp.type
_chem_comp.name
_chem_comp.formula
T5U non-polymer (4S)-4-[(2S)-2-phenylbutyl]-1,3-oxazolidin-2-imine 'C13 H18 N2 O'
#
# COMPACT_ATOMS: atom_id res chain seq x y z
N VAL A 11 15.29 29.71 -22.71
CA VAL A 11 16.33 28.80 -23.17
C VAL A 11 17.71 29.35 -22.83
N SER A 12 18.58 28.49 -22.30
CA SER A 12 19.93 28.89 -21.94
C SER A 12 20.82 27.67 -21.93
N ALA A 13 22.13 27.92 -21.99
CA ALA A 13 23.10 26.83 -21.95
C ALA A 13 23.02 26.07 -20.63
N GLU A 14 22.88 26.80 -19.52
CA GLU A 14 22.74 26.14 -18.22
C GLU A 14 21.47 25.31 -18.16
N ASP A 15 20.38 25.82 -18.71
CA ASP A 15 19.13 25.05 -18.74
C ASP A 15 19.29 23.79 -19.56
N LYS A 16 19.94 23.89 -20.72
CA LYS A 16 20.16 22.71 -21.56
C LYS A 16 21.03 21.68 -20.84
N ALA A 17 22.09 22.14 -20.16
CA ALA A 17 22.94 21.22 -19.43
C ALA A 17 22.18 20.53 -18.30
N ALA A 18 21.36 21.29 -17.58
CA ALA A 18 20.55 20.71 -16.50
C ALA A 18 19.56 19.69 -17.06
N ALA A 19 18.94 19.99 -18.20
CA ALA A 19 18.00 19.05 -18.79
C ALA A 19 18.71 17.78 -19.25
N GLU A 20 19.91 17.91 -19.80
CA GLU A 20 20.67 16.73 -20.22
C GLU A 20 21.05 15.88 -19.01
N ARG A 21 21.49 16.52 -17.93
CA ARG A 21 21.79 15.78 -16.70
C ARG A 21 20.56 15.08 -16.16
N SER A 22 19.41 15.76 -16.18
CA SER A 22 18.17 15.15 -15.72
C SER A 22 17.79 13.95 -16.58
N LYS A 23 17.96 14.07 -17.90
CA LYS A 23 17.64 12.96 -18.79
C LYS A 23 18.54 11.76 -18.51
N MET A 24 19.84 12.00 -18.31
CA MET A 24 20.75 10.91 -17.98
C MET A 24 20.36 10.27 -16.65
N ILE A 25 20.01 11.09 -15.66
CA ILE A 25 19.58 10.57 -14.36
C ILE A 25 18.34 9.68 -14.53
N ASP A 26 17.36 10.17 -15.27
CA ASP A 26 16.11 9.44 -15.45
C ASP A 26 16.35 8.12 -16.18
N LYS A 27 17.24 8.13 -17.18
CA LYS A 27 17.59 6.89 -17.86
C LYS A 27 18.24 5.90 -16.90
N ASN A 28 19.14 6.40 -16.05
CA ASN A 28 19.81 5.51 -15.09
C ASN A 28 18.81 4.89 -14.12
N LEU A 29 17.87 5.70 -13.61
CA LEU A 29 16.84 5.13 -12.72
C LEU A 29 15.94 4.15 -13.44
N ARG A 30 15.57 4.42 -14.69
CA ARG A 30 14.74 3.47 -15.42
C ARG A 30 15.47 2.13 -15.59
N GLU A 31 16.75 2.19 -15.96
CA GLU A 31 17.53 0.96 -16.11
C GLU A 31 17.64 0.22 -14.78
N ASP A 32 17.91 0.95 -13.69
CA ASP A 32 18.04 0.31 -12.38
C ASP A 32 16.74 -0.33 -11.94
N GLY A 33 15.62 0.35 -12.17
CA GLY A 33 14.33 -0.22 -11.81
C GLY A 33 13.99 -1.47 -12.62
N GLU A 34 14.26 -1.43 -13.92
CA GLU A 34 14.03 -2.62 -14.74
C GLU A 34 14.90 -3.78 -14.28
N LYS A 35 16.16 -3.50 -13.94
CA LYS A 35 17.04 -4.56 -13.45
C LYS A 35 16.57 -5.12 -12.12
N ALA A 36 16.09 -4.25 -11.23
CA ALA A 36 15.73 -4.68 -9.87
C ALA A 36 14.39 -5.40 -9.83
N ALA A 37 13.45 -5.04 -10.70
CA ALA A 37 12.10 -5.59 -10.65
C ALA A 37 11.92 -6.84 -11.49
N ALA A 38 13.01 -7.36 -12.07
CA ALA A 38 12.94 -8.51 -12.97
C ALA A 38 13.16 -9.79 -12.16
N ALA A 39 12.09 -10.59 -12.03
CA ALA A 39 12.16 -11.91 -11.38
C ALA A 39 12.75 -11.81 -9.97
N THR A 40 12.34 -10.78 -9.24
CA THR A 40 12.79 -10.59 -7.86
C THR A 40 11.56 -10.34 -6.98
N HIS A 41 11.32 -11.22 -6.02
CA HIS A 41 10.18 -11.14 -5.13
C HIS A 41 10.67 -11.00 -3.70
N ARG A 42 10.18 -9.98 -3.00
CA ARG A 42 10.59 -9.70 -1.64
C ARG A 42 9.67 -10.41 -0.66
N LEU A 43 10.22 -10.97 0.41
CA LEU A 43 9.42 -11.72 1.37
C LEU A 43 9.84 -11.36 2.79
N LEU A 44 8.92 -11.32 3.74
CA LEU A 44 9.24 -11.01 5.13
C LEU A 44 9.14 -12.21 6.02
N LEU A 45 10.22 -12.53 6.72
CA LEU A 45 10.22 -13.66 7.59
C LEU A 45 9.86 -13.19 8.96
N LEU A 46 8.77 -13.71 9.50
CA LEU A 46 8.35 -13.36 10.82
C LEU A 46 8.29 -14.60 11.67
N GLY A 47 8.33 -14.43 12.95
CA GLY A 47 8.26 -15.52 13.91
C GLY A 47 8.78 -15.08 15.26
N ALA A 48 8.97 -16.08 16.13
CA ALA A 48 9.50 -15.86 17.46
C ALA A 48 10.91 -16.40 17.54
N ASP A 49 11.54 -16.18 18.71
CA ASP A 49 12.91 -16.62 18.91
C ASP A 49 13.01 -18.14 18.94
N ASN A 50 12.01 -18.82 19.49
CA ASN A 50 12.04 -20.28 19.56
C ASN A 50 11.87 -20.92 18.19
N SER A 51 11.16 -20.24 17.28
CA SER A 51 10.96 -20.78 15.94
C SER A 51 12.25 -20.77 15.14
N GLY A 52 12.40 -21.76 14.26
CA GLY A 52 13.57 -21.86 13.41
C GLY A 52 13.49 -21.00 12.17
N LYS A 53 13.15 -19.72 12.36
CA LYS A 53 13.00 -18.81 11.22
C LYS A 53 14.32 -18.64 10.49
N SER A 54 15.44 -18.60 11.23
CA SER A 54 16.75 -18.46 10.60
C SER A 54 17.11 -19.70 9.78
N THR A 55 16.50 -20.85 10.10
CA THR A 55 16.84 -22.11 9.44
C THR A 55 15.73 -22.63 8.55
N ILE A 56 14.68 -21.84 8.28
CA ILE A 56 13.66 -22.25 7.32
C ILE A 56 14.30 -22.58 5.98
N VAL A 57 14.92 -21.59 5.35
CA VAL A 57 15.57 -21.77 4.05
C VAL A 57 17.05 -22.05 4.31
N LYS A 58 17.50 -23.24 3.91
CA LYS A 58 18.84 -23.68 4.24
C LYS A 58 19.88 -23.11 3.28
N GLN A 59 19.73 -23.44 2.01
CA GLN A 59 20.69 -22.98 1.04
C GLN A 59 20.71 -21.49 0.96
N MET A 60 21.78 -20.96 0.42
CA MET A 60 21.81 -19.54 0.18
C MET A 60 21.45 -18.66 1.36
N ARG A 61 22.01 -18.94 2.53
CA ARG A 61 21.80 -18.06 3.67
C ARG A 61 22.80 -16.94 3.46
N ILE A 62 22.57 -16.08 2.48
CA ILE A 62 23.55 -15.05 2.15
C ILE A 62 23.32 -13.83 2.99
N TYR A 63 24.10 -13.67 4.05
CA TYR A 63 23.89 -12.55 4.97
C TYR A 63 24.23 -11.22 4.38
N HIS A 64 23.36 -10.25 4.63
CA HIS A 64 23.63 -8.89 4.19
C HIS A 64 23.15 -8.07 5.36
N VAL A 65 23.52 -8.49 6.56
CA VAL A 65 23.06 -7.78 7.76
C VAL A 65 23.62 -6.39 7.91
N ASN A 66 22.75 -5.46 8.30
CA ASN A 66 23.18 -4.09 8.56
C ASN A 66 22.79 -3.90 10.00
N SER A 67 23.02 -4.93 10.82
CA SER A 67 22.60 -4.93 12.24
C SER A 67 21.09 -5.00 12.35
N GLY A 68 20.40 -4.02 11.78
CA GLY A 68 18.94 -4.05 11.80
C GLY A 68 18.19 -5.13 11.03
N ILE A 69 18.57 -5.42 9.79
CA ILE A 69 17.88 -6.41 8.99
C ILE A 69 18.79 -7.47 8.38
N PHE A 70 18.54 -8.75 8.62
CA PHE A 70 19.33 -9.82 8.05
C PHE A 70 18.62 -10.22 6.76
N GLU A 71 19.27 -10.05 5.62
CA GLU A 71 18.64 -10.33 4.35
C GLU A 71 19.21 -11.61 3.83
N THR A 72 18.39 -12.45 3.22
CA THR A 72 18.82 -13.71 2.71
C THR A 72 18.35 -13.66 1.30
N LYS A 73 19.18 -14.08 0.37
CA LYS A 73 18.75 -14.13 -1.00
C LYS A 73 18.85 -15.55 -1.45
N PHE A 74 17.90 -16.01 -2.27
CA PHE A 74 17.93 -17.35 -2.81
C PHE A 74 17.08 -17.38 -4.07
N GLN A 75 17.37 -18.36 -4.93
CA GLN A 75 16.60 -18.58 -6.15
C GLN A 75 16.28 -20.06 -6.28
N VAL A 76 15.13 -20.32 -6.89
CA VAL A 76 14.69 -21.69 -7.06
C VAL A 76 14.84 -22.08 -8.51
N ASP A 77 14.01 -21.55 -9.39
CA ASP A 77 14.10 -21.82 -10.83
C ASP A 77 14.22 -20.48 -11.54
N LYS A 78 15.45 -19.96 -11.59
CA LYS A 78 15.72 -18.68 -12.23
C LYS A 78 14.94 -17.50 -11.71
N VAL A 79 14.28 -17.67 -10.59
CA VAL A 79 13.51 -16.60 -9.98
C VAL A 79 14.14 -16.27 -8.63
N ASN A 80 14.46 -15.00 -8.41
CA ASN A 80 15.16 -14.57 -7.22
C ASN A 80 14.18 -14.17 -6.13
N PHE A 81 14.47 -14.60 -4.90
CA PHE A 81 13.67 -14.29 -3.73
C PHE A 81 14.54 -13.60 -2.68
N HIS A 82 14.07 -12.48 -2.16
CA HIS A 82 14.74 -11.77 -1.08
C HIS A 82 13.89 -11.86 0.17
N MET A 83 14.47 -12.35 1.25
CA MET A 83 13.75 -12.64 2.48
C MET A 83 14.39 -11.84 3.62
N PHE A 84 13.65 -10.86 4.14
CA PHE A 84 14.15 -9.97 5.17
C PHE A 84 13.75 -10.46 6.55
N ASP A 85 14.66 -10.33 7.51
CA ASP A 85 14.43 -10.70 8.90
C ASP A 85 14.78 -9.50 9.76
N VAL A 86 13.78 -8.77 10.23
CA VAL A 86 13.97 -7.57 11.03
C VAL A 86 14.35 -8.01 12.45
N GLY A 87 15.64 -7.92 12.77
CA GLY A 87 16.13 -8.46 14.03
C GLY A 87 16.34 -7.46 15.14
N ALA A 88 16.97 -6.32 14.84
CA ALA A 88 17.39 -5.37 15.86
C ALA A 88 16.34 -4.27 16.00
N GLN A 89 15.23 -4.61 16.64
CA GLN A 89 14.16 -3.67 16.93
C GLN A 89 13.54 -4.01 18.28
N ARG A 90 12.82 -3.05 18.84
CA ARG A 90 12.12 -3.28 20.08
C ARG A 90 10.94 -4.24 19.87
N ASP A 91 10.42 -4.76 20.98
CA ASP A 91 9.31 -5.70 20.90
C ASP A 91 8.06 -5.08 20.30
N GLU A 92 7.91 -3.76 20.37
CA GLU A 92 6.80 -3.10 19.70
C GLU A 92 7.04 -3.10 18.19
N ARG A 93 6.04 -3.54 17.43
CA ARG A 93 6.22 -3.68 15.98
C ARG A 93 5.05 -3.14 15.17
N ARG A 94 4.12 -2.40 15.78
CA ARG A 94 2.98 -1.90 15.05
C ARG A 94 3.33 -0.79 14.07
N LYS A 95 4.55 -0.26 14.11
CA LYS A 95 4.95 0.86 13.26
C LYS A 95 5.85 0.43 12.10
N TRP A 96 6.95 -0.27 12.38
CA TRP A 96 7.85 -0.66 11.31
C TRP A 96 7.32 -1.81 10.47
N ILE A 97 6.24 -2.46 10.90
CA ILE A 97 5.65 -3.52 10.09
C ILE A 97 4.97 -2.95 8.86
N GLN A 98 4.64 -1.65 8.86
CA GLN A 98 4.02 -1.01 7.71
C GLN A 98 4.98 -0.78 6.56
N CYS A 99 6.29 -0.92 6.80
CA CYS A 99 7.26 -0.80 5.73
C CYS A 99 7.29 -2.01 4.82
N PHE A 100 6.62 -3.10 5.20
CA PHE A 100 6.61 -4.34 4.44
C PHE A 100 5.22 -4.63 3.88
N ASN A 101 4.53 -3.61 3.40
CA ASN A 101 3.15 -3.78 2.94
C ASN A 101 3.05 -4.07 1.45
N ASP A 102 4.17 -4.30 0.78
CA ASP A 102 4.15 -4.64 -0.64
C ASP A 102 4.93 -5.89 -0.94
N VAL A 103 5.35 -6.62 0.06
CA VAL A 103 6.01 -7.89 -0.17
C VAL A 103 5.02 -8.88 -0.76
N THR A 104 5.52 -9.83 -1.53
CA THR A 104 4.64 -10.80 -2.17
C THR A 104 3.99 -11.71 -1.13
N ALA A 105 4.75 -12.14 -0.13
CA ALA A 105 4.23 -13.03 0.89
C ALA A 105 4.97 -12.80 2.20
N ILE A 106 4.36 -13.25 3.28
CA ILE A 106 4.94 -13.19 4.61
C ILE A 106 5.15 -14.63 5.08
N ILE A 107 6.38 -14.97 5.41
CA ILE A 107 6.68 -16.28 5.97
C ILE A 107 6.53 -16.20 7.49
N PHE A 108 5.50 -16.85 8.01
CA PHE A 108 5.25 -16.91 9.45
C PHE A 108 5.69 -18.28 9.95
N VAL A 109 6.60 -18.30 10.92
CA VAL A 109 7.15 -19.53 11.45
C VAL A 109 6.65 -19.71 12.87
N VAL A 110 6.08 -20.87 13.15
CA VAL A 110 5.47 -21.18 14.45
C VAL A 110 6.14 -22.42 15.00
N ASP A 111 6.45 -22.39 16.30
CA ASP A 111 6.94 -23.57 17.00
C ASP A 111 5.73 -24.39 17.41
N SER A 112 5.48 -25.48 16.68
CA SER A 112 4.30 -26.30 16.94
C SER A 112 4.38 -26.97 18.30
N SER A 113 5.57 -27.44 18.69
CA SER A 113 5.71 -28.20 19.93
C SER A 113 5.61 -27.34 21.18
N ASP A 114 5.64 -26.02 21.05
CA ASP A 114 5.57 -25.12 22.20
C ASP A 114 4.12 -24.69 22.38
N TYR A 115 3.42 -25.41 23.26
CA TYR A 115 2.02 -25.08 23.54
C TYR A 115 1.88 -23.82 24.37
N ASN A 116 2.90 -23.46 25.14
CA ASN A 116 2.81 -22.29 26.00
C ASN A 116 2.62 -21.01 25.20
N ARG A 117 3.38 -20.85 24.12
CA ARG A 117 3.37 -19.64 23.32
C ARG A 117 2.56 -19.78 22.05
N LEU A 118 1.82 -20.88 21.89
CA LEU A 118 1.02 -21.08 20.69
C LEU A 118 -0.11 -20.06 20.59
N GLN A 119 -0.72 -19.72 21.73
CA GLN A 119 -1.76 -18.70 21.70
C GLN A 119 -1.18 -17.34 21.34
N GLU A 120 0.03 -17.04 21.82
CA GLU A 120 0.70 -15.81 21.42
C GLU A 120 0.99 -15.79 19.92
N ALA A 121 1.41 -16.94 19.37
CA ALA A 121 1.63 -17.03 17.94
C ALA A 121 0.32 -16.82 17.17
N LEU A 122 -0.78 -17.39 17.67
CA LEU A 122 -2.07 -17.20 17.02
C LEU A 122 -2.50 -15.74 17.06
N ASN A 123 -2.28 -15.07 18.19
CA ASN A 123 -2.62 -13.65 18.29
C ASN A 123 -1.78 -12.82 17.32
N ASP A 124 -0.48 -13.11 17.23
CA ASP A 124 0.37 -12.41 16.28
C ASP A 124 -0.10 -12.64 14.85
N PHE A 125 -0.46 -13.89 14.53
CA PHE A 125 -0.92 -14.22 13.19
C PHE A 125 -2.20 -13.46 12.85
N LYS A 126 -3.07 -13.28 13.83
CA LYS A 126 -4.33 -12.59 13.58
C LYS A 126 -4.19 -11.09 13.43
N SER A 127 -3.25 -10.48 14.14
CA SER A 127 -3.01 -9.06 13.97
C SER A 127 -2.43 -8.76 12.61
N ILE A 128 -1.50 -9.58 12.15
CA ILE A 128 -0.93 -9.40 10.83
C ILE A 128 -1.99 -9.59 9.78
N TRP A 129 -2.81 -10.59 9.95
CA TRP A 129 -3.84 -10.88 8.99
C TRP A 129 -4.84 -9.79 8.88
N ASN A 130 -5.22 -9.20 9.99
CA ASN A 130 -6.26 -8.20 9.97
C ASN A 130 -5.73 -6.80 9.95
N ASN A 131 -4.42 -6.63 9.92
CA ASN A 131 -3.83 -5.31 9.84
C ASN A 131 -4.29 -4.59 8.57
N ARG A 132 -4.46 -3.28 8.68
CA ARG A 132 -4.93 -2.50 7.53
C ARG A 132 -3.95 -2.56 6.38
N TRP A 133 -2.66 -2.47 6.67
CA TRP A 133 -1.64 -2.42 5.62
C TRP A 133 -1.13 -3.80 5.21
N LEU A 134 -1.52 -4.86 5.91
CA LEU A 134 -1.13 -6.21 5.56
C LEU A 134 -2.34 -7.06 5.16
N ARG A 135 -3.44 -6.42 4.77
CA ARG A 135 -4.65 -7.16 4.40
C ARG A 135 -4.51 -7.83 3.04
N THR A 136 -3.68 -7.27 2.16
CA THR A 136 -3.54 -7.77 0.80
C THR A 136 -2.35 -8.71 0.63
N ILE A 137 -1.66 -9.04 1.72
CA ILE A 137 -0.46 -9.87 1.67
C ILE A 137 -0.81 -11.26 2.17
N SER A 138 -0.47 -12.28 1.38
CA SER A 138 -0.67 -13.65 1.79
C SER A 138 0.43 -14.08 2.76
N VAL A 139 0.15 -15.14 3.50
CA VAL A 139 1.05 -15.67 4.52
C VAL A 139 1.38 -17.11 4.17
N ILE A 140 2.67 -17.44 4.13
CA ILE A 140 3.12 -18.81 3.94
C ILE A 140 3.47 -19.34 5.33
N LEU A 141 2.50 -19.96 5.98
CA LEU A 141 2.65 -20.41 7.35
C LEU A 141 3.49 -21.68 7.39
N PHE A 142 4.59 -21.64 8.13
CA PHE A 142 5.48 -22.79 8.30
C PHE A 142 5.36 -23.25 9.74
N LEU A 143 4.65 -24.36 9.95
CA LEU A 143 4.48 -24.94 11.29
C LEU A 143 5.71 -25.79 11.58
N ASN A 144 6.72 -25.16 12.16
CA ASN A 144 8.03 -25.76 12.33
C ASN A 144 8.03 -26.76 13.48
N LYS A 145 9.16 -27.46 13.62
CA LYS A 145 9.32 -28.43 14.72
C LYS A 145 8.21 -29.46 14.78
N GLN A 146 7.95 -30.10 13.65
CA GLN A 146 6.95 -31.16 13.65
C GLN A 146 7.51 -32.41 14.29
N ASP A 147 8.82 -32.60 14.20
CA ASP A 147 9.45 -33.74 14.83
C ASP A 147 9.32 -33.61 16.34
N LEU A 148 9.49 -32.40 16.87
CA LEU A 148 9.37 -32.19 18.30
C LEU A 148 7.92 -32.30 18.73
N LEU A 149 7.00 -31.78 17.93
CA LEU A 149 5.58 -31.95 18.23
C LEU A 149 5.22 -33.43 18.35
N ALA A 150 5.72 -34.24 17.42
CA ALA A 150 5.47 -35.68 17.47
C ALA A 150 6.07 -36.31 18.72
N GLU A 151 7.29 -35.89 19.09
CA GLU A 151 7.89 -36.40 20.31
C GLU A 151 7.04 -36.06 21.52
N LYS A 152 6.52 -34.82 21.57
CA LYS A 152 5.67 -34.43 22.69
C LYS A 152 4.39 -35.26 22.74
N VAL A 153 3.75 -35.48 21.59
CA VAL A 153 2.52 -36.24 21.58
C VAL A 153 2.76 -37.69 22.01
N LEU A 154 3.83 -38.31 21.52
CA LEU A 154 4.15 -39.67 21.97
C LEU A 154 4.48 -39.72 23.45
N ALA A 155 5.23 -38.74 23.95
CA ALA A 155 5.57 -38.73 25.37
C ALA A 155 4.33 -38.61 26.24
N GLY A 156 3.42 -37.69 25.87
CA GLY A 156 2.17 -37.55 26.58
C GLY A 156 2.26 -36.85 27.92
N LYS A 157 3.45 -36.39 28.32
CA LYS A 157 3.57 -35.70 29.60
C LYS A 157 2.80 -34.39 29.60
N SER A 158 2.84 -33.65 28.50
CA SER A 158 2.10 -32.41 28.34
C SER A 158 0.87 -32.66 27.49
N LYS A 159 -0.29 -32.21 27.96
CA LYS A 159 -1.55 -32.40 27.27
C LYS A 159 -1.95 -31.12 26.55
N ILE A 160 -2.20 -31.23 25.25
CA ILE A 160 -2.61 -30.07 24.47
C ILE A 160 -4.02 -29.64 24.81
N GLU A 161 -4.83 -30.51 25.41
CA GLU A 161 -6.18 -30.13 25.81
C GLU A 161 -6.17 -29.09 26.91
N ASP A 162 -5.13 -29.08 27.76
CA ASP A 162 -5.04 -28.08 28.82
C ASP A 162 -4.93 -26.68 28.24
N TYR A 163 -4.17 -26.53 27.16
CA TYR A 163 -4.00 -25.23 26.52
C TYR A 163 -5.10 -24.90 25.53
N PHE A 164 -5.71 -25.92 24.92
CA PHE A 164 -6.83 -25.73 23.99
C PHE A 164 -7.92 -26.73 24.35
N PRO A 165 -8.92 -26.31 25.12
CA PRO A 165 -9.98 -27.26 25.53
C PRO A 165 -10.76 -27.84 24.37
N GLU A 166 -10.89 -27.10 23.25
CA GLU A 166 -11.66 -27.60 22.12
C GLU A 166 -10.95 -28.70 21.36
N PHE A 167 -9.77 -29.15 21.81
CA PHE A 167 -9.11 -30.28 21.16
C PHE A 167 -9.79 -31.60 21.47
N ALA A 168 -10.50 -31.70 22.60
CA ALA A 168 -11.17 -32.93 22.95
C ALA A 168 -12.27 -33.27 21.94
N ARG A 169 -12.99 -32.27 21.47
CA ARG A 169 -14.05 -32.46 20.50
C ARG A 169 -13.55 -32.46 19.06
N TYR A 170 -12.24 -32.41 18.87
CA TYR A 170 -11.67 -32.33 17.53
C TYR A 170 -11.50 -33.67 16.90
N THR A 171 -11.73 -33.74 15.60
CA THR A 171 -11.55 -34.97 14.84
C THR A 171 -10.65 -34.70 13.65
N THR A 172 -9.86 -35.70 13.27
CA THR A 172 -8.94 -35.56 12.17
C THR A 172 -9.71 -35.31 10.87
N PRO A 173 -9.32 -34.29 10.09
CA PRO A 173 -10.06 -34.00 8.86
C PRO A 173 -9.92 -35.14 7.85
N GLU A 174 -10.95 -35.29 7.01
CA GLU A 174 -10.94 -36.34 6.00
C GLU A 174 -9.86 -36.09 4.96
N ASP A 175 -9.64 -34.83 4.59
CA ASP A 175 -8.66 -34.48 3.56
C ASP A 175 -7.22 -34.59 4.03
N ALA A 176 -6.97 -35.13 5.22
CA ALA A 176 -5.61 -35.23 5.72
C ALA A 176 -4.79 -36.20 4.87
N THR A 177 -3.48 -35.94 4.79
CA THR A 177 -2.53 -36.78 4.06
C THR A 177 -1.41 -37.15 5.02
N PRO A 178 -1.67 -38.08 5.94
CA PRO A 178 -0.68 -38.40 6.97
C PRO A 178 0.56 -39.08 6.39
N GLU A 179 1.62 -38.94 7.15
CA GLU A 179 2.83 -39.58 6.77
C GLU A 179 2.64 -41.13 6.98
N PRO A 180 3.23 -42.00 6.12
CA PRO A 180 2.99 -43.44 6.28
C PRO A 180 3.36 -44.00 7.64
N GLY A 181 4.42 -43.49 8.26
CA GLY A 181 4.83 -43.97 9.57
C GLY A 181 4.36 -43.09 10.71
N GLU A 182 3.33 -42.29 10.47
CA GLU A 182 2.87 -41.31 11.44
C GLU A 182 1.75 -41.87 12.31
N ASP A 183 1.74 -41.46 13.57
CA ASP A 183 0.70 -41.88 14.51
C ASP A 183 -0.58 -41.08 14.29
N PRO A 184 -1.75 -41.70 14.46
CA PRO A 184 -3.01 -40.95 14.35
C PRO A 184 -3.10 -39.79 15.33
N ARG A 185 -2.57 -39.97 16.54
CA ARG A 185 -2.59 -38.88 17.52
C ARG A 185 -1.74 -37.70 17.04
N VAL A 186 -0.57 -37.99 16.48
CA VAL A 186 0.29 -36.92 15.95
C VAL A 186 -0.40 -36.21 14.79
N THR A 187 -1.04 -36.99 13.90
CA THR A 187 -1.76 -36.38 12.79
C THR A 187 -2.87 -35.47 13.30
N ARG A 188 -3.63 -35.94 14.29
CA ARG A 188 -4.70 -35.15 14.86
C ARG A 188 -4.17 -33.86 15.48
N ALA A 189 -3.06 -33.95 16.21
CA ALA A 189 -2.50 -32.77 16.86
C ALA A 189 -2.02 -31.74 15.84
N LYS A 190 -1.24 -32.19 14.86
CA LYS A 190 -0.69 -31.26 13.87
C LYS A 190 -1.79 -30.62 13.04
N TYR A 191 -2.80 -31.40 12.64
CA TYR A 191 -3.89 -30.82 11.88
C TYR A 191 -4.76 -29.93 12.77
N PHE A 192 -4.79 -30.19 14.07
CA PHE A 192 -5.48 -29.29 14.98
C PHE A 192 -4.81 -27.93 15.01
N ILE A 193 -3.47 -27.91 15.10
CA ILE A 193 -2.75 -26.63 15.06
C ILE A 193 -3.00 -25.93 13.73
N ARG A 194 -2.92 -26.70 12.63
CA ARG A 194 -3.12 -26.14 11.30
C ARG A 194 -4.51 -25.51 11.19
N ASP A 195 -5.50 -26.12 11.81
CA ASP A 195 -6.86 -25.60 11.69
C ASP A 195 -7.01 -24.42 12.56
N GLU A 196 -6.40 -24.44 13.74
CA GLU A 196 -6.43 -23.24 14.57
C GLU A 196 -5.93 -22.03 13.79
N PHE A 197 -4.88 -22.20 13.01
CA PHE A 197 -4.41 -21.07 12.21
C PHE A 197 -5.34 -20.76 11.04
N LEU A 198 -5.87 -21.81 10.40
CA LEU A 198 -6.71 -21.61 9.22
C LEU A 198 -8.08 -21.04 9.55
N ARG A 199 -8.62 -21.31 10.74
CA ARG A 199 -9.88 -20.67 11.12
C ARG A 199 -9.71 -19.17 11.25
N ILE A 200 -8.61 -18.72 11.84
CA ILE A 200 -8.30 -17.30 11.89
C ILE A 200 -8.14 -16.75 10.49
N SER A 201 -7.43 -17.50 9.62
CA SER A 201 -7.23 -17.04 8.25
C SER A 201 -8.56 -16.84 7.53
N THR A 202 -9.45 -17.83 7.61
CA THR A 202 -10.70 -17.80 6.85
C THR A 202 -11.78 -16.95 7.50
N ALA A 203 -11.63 -16.59 8.78
CA ALA A 203 -12.62 -15.74 9.41
C ALA A 203 -12.66 -14.36 8.77
N SER A 204 -11.56 -13.85 8.28
CA SER A 204 -11.58 -12.49 7.76
C SER A 204 -10.83 -12.31 6.47
N GLY A 205 -10.42 -13.40 5.84
CA GLY A 205 -9.76 -13.27 4.56
C GLY A 205 -10.76 -12.66 3.64
N ASP A 206 -10.37 -11.65 2.89
CA ASP A 206 -11.33 -10.95 2.06
C ASP A 206 -11.25 -11.44 0.63
N GLY A 207 -10.43 -12.45 0.38
CA GLY A 207 -10.25 -12.85 -1.00
C GLY A 207 -9.01 -12.30 -1.67
N ARG A 208 -8.35 -11.31 -1.07
CA ARG A 208 -7.14 -10.75 -1.63
C ARG A 208 -5.87 -11.41 -1.10
N HIS A 209 -6.00 -12.32 -0.14
CA HIS A 209 -4.83 -13.03 0.38
C HIS A 209 -5.28 -14.33 1.01
N TYR A 210 -4.36 -15.29 1.05
CA TYR A 210 -4.64 -16.64 1.52
C TYR A 210 -3.50 -17.10 2.41
N CYS A 211 -3.74 -18.20 3.12
CA CYS A 211 -2.75 -18.80 4.00
C CYS A 211 -2.33 -20.15 3.44
N TYR A 212 -1.02 -20.39 3.38
CA TYR A 212 -0.47 -21.62 2.83
C TYR A 212 0.30 -22.36 3.91
N PRO A 213 -0.31 -23.32 4.60
CA PRO A 213 0.37 -24.00 5.71
C PRO A 213 1.19 -25.20 5.25
N HIS A 214 2.33 -25.37 5.91
CA HIS A 214 3.23 -26.47 5.60
C HIS A 214 3.86 -27.02 6.85
N PHE A 215 3.93 -28.32 6.98
CA PHE A 215 4.54 -28.97 8.14
C PHE A 215 6.00 -29.22 7.85
N THR A 216 6.88 -28.58 8.61
CA THR A 216 8.31 -28.64 8.37
C THR A 216 9.06 -29.14 9.60
N CYS A 217 10.28 -29.59 9.37
CA CYS A 217 11.19 -30.03 10.42
C CYS A 217 12.45 -29.17 10.36
N SER A 218 13.45 -29.54 11.16
CA SER A 218 14.74 -28.85 11.14
C SER A 218 15.66 -29.35 10.05
N VAL A 219 15.34 -30.48 9.41
CA VAL A 219 16.18 -31.05 8.36
C VAL A 219 15.42 -31.06 7.05
N ASP A 220 14.49 -30.13 6.90
CA ASP A 220 13.70 -30.07 5.68
C ASP A 220 14.40 -29.22 4.68
N THR A 221 14.56 -29.74 3.48
CA THR A 221 15.24 -29.03 2.40
C THR A 221 14.28 -28.56 1.30
N GLU A 222 12.98 -28.74 1.48
CA GLU A 222 12.00 -28.39 0.47
C GLU A 222 11.32 -27.05 0.74
N ASN A 223 11.81 -26.28 1.72
CA ASN A 223 11.16 -25.02 2.06
C ASN A 223 11.30 -23.99 0.95
N ALA A 224 12.46 -23.96 0.27
CA ALA A 224 12.62 -23.03 -0.84
C ALA A 224 11.65 -23.37 -1.97
N ARG A 225 11.50 -24.65 -2.29
CA ARG A 225 10.54 -25.05 -3.32
C ARG A 225 9.11 -24.74 -2.91
N ARG A 226 8.78 -24.95 -1.62
CA ARG A 226 7.44 -24.62 -1.14
C ARG A 226 7.16 -23.14 -1.26
N ILE A 227 8.13 -22.30 -0.90
CA ILE A 227 7.97 -20.86 -1.05
C ILE A 227 7.81 -20.49 -2.52
N PHE A 228 8.56 -21.11 -3.41
CA PHE A 228 8.44 -20.87 -4.84
C PHE A 228 7.05 -21.17 -5.31
N ASN A 229 6.56 -22.37 -4.99
CA ASN A 229 5.24 -22.77 -5.45
C ASN A 229 4.14 -21.89 -4.88
N ASP A 230 4.19 -21.53 -3.61
CA ASP A 230 3.17 -20.68 -3.05
C ASP A 230 3.24 -19.29 -3.57
N CYS A 231 4.43 -18.76 -3.83
CA CYS A 231 4.53 -17.46 -4.47
C CYS A 231 3.99 -17.50 -5.89
N ARG A 232 4.25 -18.58 -6.61
CA ARG A 232 3.67 -18.72 -7.96
C ARG A 232 2.16 -18.74 -7.89
N ASP A 233 1.59 -19.46 -6.92
CA ASP A 233 0.15 -19.49 -6.75
C ASP A 233 -0.39 -18.11 -6.38
N ILE A 234 0.32 -17.39 -5.51
CA ILE A 234 -0.11 -16.05 -5.10
C ILE A 234 -0.15 -15.11 -6.30
N ILE A 235 0.92 -15.12 -7.10
CA ILE A 235 0.98 -14.22 -8.24
C ILE A 235 -0.03 -14.61 -9.31
N GLN A 236 -0.24 -15.92 -9.51
CA GLN A 236 -1.25 -16.36 -10.46
C GLN A 236 -2.64 -15.94 -10.03
N ARG A 237 -2.97 -16.07 -8.74
CA ARG A 237 -4.27 -15.64 -8.27
C ARG A 237 -4.42 -14.13 -8.35
N MET A 238 -3.34 -13.39 -8.09
CA MET A 238 -3.39 -11.93 -8.25
C MET A 238 -3.65 -11.55 -9.70
N HIS A 239 -2.98 -12.21 -10.64
CA HIS A 239 -3.20 -11.92 -12.06
C HIS A 239 -4.62 -12.29 -12.49
N LEU A 240 -5.13 -13.42 -11.99
CA LEU A 240 -6.51 -13.81 -12.31
C LEU A 240 -7.50 -12.79 -11.77
N ARG A 241 -7.28 -12.31 -10.54
CA ARG A 241 -8.15 -11.28 -9.99
C ARG A 241 -8.06 -9.98 -10.80
N GLN A 242 -6.86 -9.62 -11.23
CA GLN A 242 -6.68 -8.40 -12.01
C GLN A 242 -7.39 -8.51 -13.35
N TYR A 243 -7.31 -9.66 -14.00
CA TYR A 243 -7.99 -9.89 -15.27
C TYR A 243 -9.43 -10.36 -15.11
N GLU A 244 -9.99 -10.20 -13.91
CA GLU A 244 -11.39 -10.52 -13.63
C GLU A 244 -11.71 -11.99 -13.89
N LEU A 245 -10.71 -12.85 -13.81
CA LEU A 245 -10.95 -14.29 -13.95
C LEU A 245 -11.12 -14.98 -12.61
N LEU A 246 -11.13 -14.23 -11.51
CA LEU A 246 -11.25 -14.81 -10.18
C LEU A 246 -11.80 -13.77 -9.21
N GLU B 8 8.98 0.87 48.62
CA GLU B 8 8.57 2.27 48.64
C GLU B 8 8.01 2.70 47.30
N LEU B 9 7.67 1.71 46.47
CA LEU B 9 7.11 2.01 45.16
C LEU B 9 5.76 2.71 45.27
N ASP B 10 4.94 2.29 46.24
CA ASP B 10 3.63 2.90 46.42
C ASP B 10 3.75 4.38 46.78
N GLN B 11 4.69 4.72 47.67
CA GLN B 11 4.88 6.11 48.06
C GLN B 11 5.32 6.96 46.87
N LEU B 12 6.25 6.46 46.07
CA LEU B 12 6.69 7.21 44.90
C LEU B 12 5.57 7.35 43.87
N ARG B 13 4.75 6.31 43.69
CA ARG B 13 3.62 6.41 42.79
C ARG B 13 2.61 7.44 43.27
N GLN B 14 2.36 7.49 44.58
CA GLN B 14 1.46 8.50 45.13
C GLN B 14 2.03 9.90 44.97
N GLU B 15 3.35 10.05 45.14
CA GLU B 15 3.99 11.34 44.92
C GLU B 15 3.83 11.78 43.46
N ALA B 16 4.04 10.87 42.52
CA ALA B 16 3.87 11.20 41.11
C ALA B 16 2.42 11.54 40.81
N GLU B 17 1.47 10.81 41.42
CA GLU B 17 0.06 11.08 41.18
C GLU B 17 -0.33 12.47 41.70
N GLN B 18 0.13 12.84 42.88
CA GLN B 18 -0.22 14.16 43.40
C GLN B 18 0.49 15.26 42.62
N LEU B 19 1.69 14.99 42.10
CA LEU B 19 2.34 15.95 41.21
C LEU B 19 1.53 16.14 39.93
N LYS B 20 1.02 15.04 39.36
CA LYS B 20 0.17 15.14 38.18
C LYS B 20 -1.10 15.92 38.48
N ASN B 21 -1.68 15.68 39.66
CA ASN B 21 -2.88 16.43 40.06
C ASN B 21 -2.57 17.92 40.18
N GLN B 22 -1.42 18.26 40.76
CA GLN B 22 -1.03 19.66 40.86
C GLN B 22 -0.84 20.29 39.49
N ILE B 23 -0.21 19.57 38.57
CA ILE B 23 -0.01 20.09 37.21
C ILE B 23 -1.35 20.30 36.52
N ARG B 24 -2.27 19.34 36.68
CA ARG B 24 -3.60 19.49 36.08
C ARG B 24 -4.34 20.68 36.67
N ASP B 25 -4.23 20.89 37.98
CA ASP B 25 -4.87 22.03 38.61
C ASP B 25 -4.27 23.34 38.11
N ALA B 26 -2.96 23.39 37.95
CA ALA B 26 -2.32 24.59 37.41
C ALA B 26 -2.77 24.86 35.99
N ARG B 27 -2.87 23.81 35.17
CA ARG B 27 -3.33 23.99 33.79
C ARG B 27 -4.78 24.46 33.76
N LYS B 28 -5.63 23.91 34.63
CA LYS B 28 -7.02 24.34 34.69
C LYS B 28 -7.13 25.80 35.12
N ALA B 29 -6.32 26.21 36.10
CA ALA B 29 -6.31 27.61 36.52
C ALA B 29 -5.86 28.51 35.39
N CYS B 30 -4.83 28.10 34.64
CA CYS B 30 -4.37 28.89 33.51
C CYS B 30 -5.33 28.85 32.33
N ALA B 31 -6.27 27.91 32.31
CA ALA B 31 -7.25 27.80 31.23
C ALA B 31 -8.33 28.87 31.42
N ASP B 32 -7.92 30.12 31.18
CA ASP B 32 -8.83 31.25 31.33
C ASP B 32 -9.96 31.19 30.31
N ALA B 33 -9.65 30.86 29.06
CA ALA B 33 -10.64 30.84 27.99
C ALA B 33 -10.25 29.74 27.00
N THR B 34 -10.84 29.78 25.81
CA THR B 34 -10.56 28.81 24.77
C THR B 34 -10.24 29.51 23.46
N LEU B 35 -9.38 28.86 22.67
CA LEU B 35 -9.01 29.41 21.37
C LEU B 35 -10.22 29.54 20.46
N SER B 36 -11.15 28.58 20.52
CA SER B 36 -12.36 28.68 19.70
C SER B 36 -13.19 29.89 20.09
N GLN B 37 -13.31 30.17 21.40
CA GLN B 37 -14.05 31.34 21.84
C GLN B 37 -13.36 32.63 21.40
N ILE B 38 -12.05 32.71 21.59
CA ILE B 38 -11.35 33.96 21.28
C ILE B 38 -11.33 34.23 19.78
N THR B 39 -11.17 33.18 18.98
CA THR B 39 -11.12 33.31 17.53
C THR B 39 -12.50 33.29 16.89
N ASN B 40 -13.57 33.40 17.67
CA ASN B 40 -14.92 33.37 17.11
C ASN B 40 -15.16 34.54 16.17
N ASN B 41 -14.70 35.74 16.56
CA ASN B 41 -14.91 36.93 15.74
C ASN B 41 -14.01 36.98 14.51
N ILE B 42 -13.05 36.07 14.39
CA ILE B 42 -12.12 36.09 13.26
C ILE B 42 -12.86 35.74 11.98
N ASP B 43 -12.62 36.50 10.93
CA ASP B 43 -13.22 36.20 9.64
C ASP B 43 -12.70 34.85 9.13
N PRO B 44 -13.57 34.01 8.57
CA PRO B 44 -13.11 32.72 8.05
C PRO B 44 -12.19 32.88 6.86
N VAL B 45 -11.31 31.89 6.69
CA VAL B 45 -10.36 31.93 5.58
C VAL B 45 -11.09 31.85 4.25
N GLY B 46 -12.09 30.98 4.15
CA GLY B 46 -12.86 30.85 2.92
C GLY B 46 -12.78 29.47 2.32
N ARG B 47 -12.38 29.39 1.06
CA ARG B 47 -12.24 28.12 0.35
C ARG B 47 -10.84 28.07 -0.24
N ILE B 48 -9.97 27.24 0.33
CA ILE B 48 -8.59 27.13 -0.13
C ILE B 48 -8.57 26.16 -1.31
N GLN B 49 -8.40 26.69 -2.51
CA GLN B 49 -8.36 25.90 -3.74
C GLN B 49 -6.90 25.83 -4.19
N MET B 50 -6.25 24.71 -3.90
CA MET B 50 -4.89 24.44 -4.34
C MET B 50 -4.92 23.43 -5.48
N ARG B 51 -4.25 23.76 -6.57
CA ARG B 51 -4.19 22.90 -7.74
C ARG B 51 -2.77 22.40 -7.93
N THR B 52 -2.64 21.11 -8.26
CA THR B 52 -1.34 20.50 -8.51
C THR B 52 -0.60 21.28 -9.60
N ARG B 53 0.52 21.90 -9.23
CA ARG B 53 1.29 22.67 -10.20
C ARG B 53 2.30 21.80 -10.95
N ARG B 54 3.02 20.94 -10.24
CA ARG B 54 3.97 20.04 -10.86
C ARG B 54 3.87 18.67 -10.21
N THR B 55 4.19 17.63 -10.98
CA THR B 55 4.22 16.27 -10.49
C THR B 55 5.60 15.68 -10.78
N LEU B 56 6.31 15.32 -9.72
CA LEU B 56 7.69 14.83 -9.83
C LEU B 56 7.66 13.33 -10.02
N ARG B 57 7.82 12.88 -11.27
CA ARG B 57 7.85 11.47 -11.60
C ARG B 57 9.30 11.00 -11.75
N GLY B 58 9.53 9.74 -11.41
CA GLY B 58 10.87 9.18 -11.45
C GLY B 58 11.13 8.19 -10.34
N HIS B 59 10.27 8.20 -9.32
CA HIS B 59 10.33 7.21 -8.25
C HIS B 59 9.52 5.99 -8.67
N LEU B 60 10.14 4.81 -8.59
CA LEU B 60 9.52 3.57 -9.03
C LEU B 60 8.98 2.73 -7.88
N ALA B 61 8.74 3.34 -6.72
CA ALA B 61 8.28 2.58 -5.56
C ALA B 61 7.64 3.55 -4.58
N LYS B 62 7.13 3.02 -3.48
CA LYS B 62 6.45 3.85 -2.47
C LYS B 62 7.35 4.87 -1.91
N ILE B 63 6.83 6.03 -1.62
CA ILE B 63 7.61 7.18 -1.18
C ILE B 63 7.30 7.44 0.28
N TYR B 64 8.35 7.56 1.11
CA TYR B 64 8.17 7.66 2.55
C TYR B 64 8.48 9.02 3.15
N ALA B 65 9.31 9.84 2.50
CA ALA B 65 9.66 11.12 3.11
C ALA B 65 10.10 12.11 2.04
N MET B 66 10.09 13.38 2.41
CA MET B 66 10.63 14.45 1.60
C MET B 66 10.98 15.61 2.52
N HIS B 67 11.83 16.51 2.02
CA HIS B 67 12.19 17.70 2.77
C HIS B 67 12.57 18.81 1.80
N TRP B 68 11.95 19.97 1.98
CA TRP B 68 12.24 21.13 1.14
C TRP B 68 13.60 21.72 1.49
N GLY B 69 14.15 22.46 0.53
CA GLY B 69 15.38 23.19 0.78
C GLY B 69 15.13 24.56 1.36
N THR B 70 16.16 25.12 1.98
CA THR B 70 16.06 26.46 2.53
C THR B 70 15.84 27.50 1.43
N ASP B 71 16.38 27.26 0.23
CA ASP B 71 16.16 28.14 -0.90
C ASP B 71 14.76 28.03 -1.49
N SER B 72 13.96 27.08 -1.00
CA SER B 72 12.57 26.89 -1.40
C SER B 72 12.43 26.43 -2.85
N ARG B 73 13.50 25.90 -3.44
CA ARG B 73 13.47 25.43 -4.81
C ARG B 73 13.84 23.96 -4.95
N LEU B 74 14.86 23.51 -4.24
CA LEU B 74 15.32 22.13 -4.31
C LEU B 74 14.76 21.34 -3.13
N LEU B 75 14.32 20.12 -3.42
CA LEU B 75 13.80 19.23 -2.39
C LEU B 75 14.34 17.83 -2.60
N VAL B 76 14.55 17.11 -1.51
CA VAL B 76 15.01 15.73 -1.54
C VAL B 76 13.84 14.83 -1.16
N SER B 77 13.78 13.66 -1.79
CA SER B 77 12.74 12.68 -1.50
C SER B 77 13.37 11.31 -1.32
N ALA B 78 12.69 10.47 -0.55
CA ALA B 78 13.14 9.11 -0.29
C ALA B 78 12.04 8.13 -0.65
N SER B 79 12.44 6.91 -0.98
CA SER B 79 11.49 5.87 -1.38
C SER B 79 12.08 4.52 -1.07
N GLN B 80 11.25 3.48 -1.20
CA GLN B 80 11.70 2.12 -0.95
C GLN B 80 12.40 1.51 -2.16
N ASP B 81 12.50 2.23 -3.27
CA ASP B 81 13.29 1.76 -4.41
C ASP B 81 14.79 1.87 -4.16
N GLY B 82 15.20 2.51 -3.07
CA GLY B 82 16.60 2.68 -2.78
C GLY B 82 17.24 3.94 -3.33
N LYS B 83 16.43 4.91 -3.76
CA LYS B 83 16.94 6.13 -4.37
C LYS B 83 16.58 7.33 -3.51
N LEU B 84 17.48 8.31 -3.49
CA LEU B 84 17.32 9.56 -2.75
C LEU B 84 17.47 10.69 -3.77
N ILE B 85 16.37 11.10 -4.36
CA ILE B 85 16.39 12.03 -5.48
C ILE B 85 16.26 13.45 -4.96
N ILE B 86 17.19 14.32 -5.38
CA ILE B 86 17.05 15.75 -5.18
C ILE B 86 16.43 16.35 -6.43
N TRP B 87 15.28 16.98 -6.28
CA TRP B 87 14.51 17.51 -7.40
C TRP B 87 14.67 19.02 -7.49
N ASP B 88 14.57 19.54 -8.71
CA ASP B 88 14.44 20.97 -8.96
C ASP B 88 12.96 21.24 -9.20
N SER B 89 12.26 21.67 -8.14
CA SER B 89 10.81 21.84 -8.23
C SER B 89 10.42 22.85 -9.29
N TYR B 90 11.28 23.83 -9.56
CA TYR B 90 10.97 24.85 -10.56
C TYR B 90 10.88 24.24 -11.95
N THR B 91 11.82 23.35 -12.29
CA THR B 91 11.91 22.80 -13.64
C THR B 91 11.70 21.30 -13.71
N THR B 92 11.37 20.65 -12.59
CA THR B 92 11.06 19.22 -12.53
C THR B 92 12.31 18.38 -12.82
N ASN B 93 13.43 19.05 -13.10
CA ASN B 93 14.67 18.34 -13.37
C ASN B 93 15.22 17.69 -12.11
N LYS B 94 15.86 16.55 -12.28
CA LYS B 94 16.47 15.82 -11.18
C LYS B 94 17.92 16.28 -11.02
N VAL B 95 18.19 17.05 -9.98
CA VAL B 95 19.54 17.55 -9.76
C VAL B 95 20.48 16.41 -9.38
N HIS B 96 20.01 15.50 -8.55
CA HIS B 96 20.82 14.38 -8.07
C HIS B 96 19.95 13.14 -7.94
N ALA B 97 20.60 11.98 -7.90
CA ALA B 97 19.93 10.71 -7.64
C ALA B 97 20.92 9.86 -6.85
N ILE B 98 20.69 9.76 -5.54
CA ILE B 98 21.62 9.11 -4.63
C ILE B 98 21.08 7.71 -4.32
N PRO B 99 21.76 6.66 -4.76
CA PRO B 99 21.34 5.31 -4.36
C PRO B 99 21.57 5.10 -2.87
N LEU B 100 20.72 4.27 -2.27
CA LEU B 100 20.76 3.99 -0.85
C LEU B 100 21.16 2.53 -0.62
N ARG B 101 21.96 2.29 0.41
CA ARG B 101 22.40 0.95 0.72
C ARG B 101 21.22 0.12 1.13
N SER B 102 20.37 0.67 1.99
CA SER B 102 19.19 -0.03 2.48
C SER B 102 17.95 0.66 1.92
N SER B 103 17.01 -0.14 1.42
CA SER B 103 15.79 0.38 0.81
C SER B 103 14.70 0.65 1.82
N TRP B 104 14.99 0.54 3.12
CA TRP B 104 14.00 0.70 4.18
C TRP B 104 14.12 2.03 4.89
N VAL B 105 14.49 3.09 4.15
CA VAL B 105 14.61 4.41 4.76
C VAL B 105 13.21 4.97 5.02
N MET B 106 13.06 5.65 6.16
CA MET B 106 11.79 6.24 6.54
C MET B 106 11.83 7.75 6.69
N THR B 107 12.99 8.37 6.55
CA THR B 107 13.10 9.81 6.69
C THR B 107 14.25 10.32 5.83
N CYS B 108 14.19 11.61 5.53
CA CYS B 108 15.26 12.27 4.80
C CYS B 108 15.27 13.73 5.18
N ALA B 109 16.46 14.33 5.17
CA ALA B 109 16.62 15.72 5.55
C ALA B 109 17.52 16.42 4.54
N TYR B 110 17.35 17.73 4.44
CA TYR B 110 18.17 18.57 3.57
C TYR B 110 18.78 19.65 4.45
N ALA B 111 20.10 19.75 4.45
CA ALA B 111 20.77 20.67 5.34
C ALA B 111 20.39 22.12 4.99
N PRO B 112 20.26 22.99 6.01
CA PRO B 112 19.90 24.38 5.73
C PRO B 112 20.91 25.10 4.85
N SER B 113 22.20 24.76 4.97
CA SER B 113 23.21 25.32 4.08
C SER B 113 23.10 24.75 2.67
N GLY B 114 22.47 23.58 2.51
CA GLY B 114 22.31 22.96 1.22
C GLY B 114 23.43 22.05 0.80
N ASN B 115 24.50 21.95 1.60
CA ASN B 115 25.65 21.13 1.23
C ASN B 115 25.47 19.66 1.58
N TYR B 116 24.49 19.31 2.41
CA TYR B 116 24.36 17.94 2.91
C TYR B 116 22.92 17.48 2.82
N VAL B 117 22.76 16.16 2.72
CA VAL B 117 21.46 15.49 2.75
C VAL B 117 21.60 14.26 3.62
N ALA B 118 20.65 14.06 4.54
CA ALA B 118 20.66 12.91 5.43
C ALA B 118 19.48 12.01 5.13
N CYS B 119 19.59 10.76 5.59
CA CYS B 119 18.52 9.79 5.45
C CYS B 119 18.71 8.72 6.52
N GLY B 120 17.63 8.00 6.79
CA GLY B 120 17.67 6.94 7.77
C GLY B 120 16.41 6.11 7.73
N GLY B 121 16.47 4.93 8.35
CA GLY B 121 15.35 4.03 8.33
C GLY B 121 15.50 2.81 9.22
N LEU B 122 15.14 1.64 8.71
CA LEU B 122 15.18 0.41 9.49
C LEU B 122 16.60 -0.07 9.77
N ASP B 123 17.61 0.53 9.16
CA ASP B 123 19.00 0.17 9.45
C ASP B 123 19.51 0.77 10.75
N ASN B 124 18.70 1.60 11.42
CA ASN B 124 19.05 2.26 12.68
C ASN B 124 20.25 3.19 12.52
N ILE B 125 20.50 3.67 11.31
CA ILE B 125 21.69 4.47 11.00
C ILE B 125 21.27 5.69 10.21
N CYS B 126 21.76 6.86 10.62
CA CYS B 126 21.59 8.09 9.87
C CYS B 126 22.80 8.31 8.99
N SER B 127 22.59 8.40 7.67
CA SER B 127 23.65 8.54 6.70
C SER B 127 23.67 9.96 6.16
N ILE B 128 24.83 10.61 6.24
CA ILE B 128 25.01 11.97 5.76
C ILE B 128 25.67 11.93 4.40
N TYR B 129 25.09 12.62 3.43
CA TYR B 129 25.59 12.63 2.05
C TYR B 129 26.10 14.02 1.72
N ASN B 130 27.33 14.10 1.25
CA ASN B 130 27.93 15.38 0.86
C ASN B 130 27.49 15.71 -0.56
N LEU B 131 26.61 16.70 -0.69
CA LEU B 131 26.15 17.10 -2.02
C LEU B 131 27.24 17.84 -2.78
N LYS B 132 28.01 18.66 -2.09
CA LYS B 132 29.01 19.53 -2.72
C LYS B 132 30.37 18.89 -2.52
N THR B 133 30.89 18.27 -3.58
CA THR B 133 32.19 17.61 -3.54
C THR B 133 33.06 18.14 -4.67
N ARG B 134 34.38 18.11 -4.44
CA ARG B 134 35.31 18.58 -5.47
C ARG B 134 35.22 17.72 -6.72
N GLU B 135 35.09 16.40 -6.56
CA GLU B 135 34.95 15.51 -7.70
C GLU B 135 33.58 15.59 -8.35
N GLY B 136 32.62 16.27 -7.71
CA GLY B 136 31.30 16.45 -8.29
C GLY B 136 30.33 15.33 -8.09
N ASN B 137 30.67 14.32 -7.31
CA ASN B 137 29.80 13.18 -7.05
C ASN B 137 29.31 13.20 -5.62
N VAL B 138 28.24 12.44 -5.37
CA VAL B 138 27.62 12.33 -4.06
C VAL B 138 27.94 10.98 -3.46
N ARG B 139 28.32 10.97 -2.19
CA ARG B 139 28.72 9.74 -1.51
C ARG B 139 28.51 9.93 -0.02
N VAL B 140 28.52 8.80 0.70
CA VAL B 140 28.25 8.79 2.13
C VAL B 140 29.38 9.53 2.84
N SER B 141 29.07 10.70 3.40
CA SER B 141 30.06 11.40 4.21
C SER B 141 30.39 10.62 5.47
N ARG B 142 29.39 10.44 6.34
CA ARG B 142 29.54 9.60 7.53
C ARG B 142 28.21 8.91 7.81
N GLU B 143 28.28 7.83 8.57
CA GLU B 143 27.10 7.11 8.99
C GLU B 143 27.04 7.22 10.49
N LEU B 144 25.92 7.68 11.02
CA LEU B 144 25.73 7.90 12.45
C LEU B 144 25.09 6.65 13.04
N ALA B 145 25.83 5.94 13.88
CA ALA B 145 25.36 4.71 14.50
C ALA B 145 25.30 4.88 16.02
N GLY B 146 24.43 4.08 16.64
CA GLY B 146 24.25 4.15 18.07
C GLY B 146 22.81 3.96 18.50
N HIS B 147 21.87 4.31 17.63
CA HIS B 147 20.46 4.04 17.89
C HIS B 147 20.20 2.55 17.84
N THR B 148 19.44 2.05 18.83
CA THR B 148 19.09 0.64 18.89
C THR B 148 17.74 0.33 18.27
N GLY B 149 17.09 1.33 17.67
CA GLY B 149 15.86 1.10 16.94
C GLY B 149 15.85 1.88 15.65
N TYR B 150 14.82 1.64 14.83
CA TYR B 150 14.72 2.31 13.55
C TYR B 150 14.68 3.82 13.75
N LEU B 151 15.33 4.55 12.86
CA LEU B 151 15.39 6.00 12.93
C LEU B 151 14.26 6.57 12.08
N SER B 152 13.35 7.30 12.73
CA SER B 152 12.12 7.74 12.09
C SER B 152 12.16 9.19 11.61
N CYS B 153 13.04 10.01 12.15
CA CYS B 153 13.11 11.41 11.73
C CYS B 153 14.50 11.95 12.07
N CYS B 154 14.99 12.83 11.20
CA CYS B 154 16.26 13.51 11.42
C CYS B 154 16.16 14.92 10.86
N ARG B 155 16.67 15.89 11.62
CA ARG B 155 16.63 17.29 11.21
C ARG B 155 17.98 17.93 11.47
N PHE B 156 18.40 18.78 10.54
CA PHE B 156 19.71 19.42 10.60
C PHE B 156 19.63 20.72 11.38
N LEU B 157 20.55 20.90 12.33
CA LEU B 157 20.74 22.21 12.97
C LEU B 157 21.72 23.06 12.19
N ASP B 158 22.80 22.46 11.70
CA ASP B 158 23.80 23.11 10.87
C ASP B 158 24.58 22.02 10.15
N ASP B 159 25.70 22.41 9.55
CA ASP B 159 26.53 21.45 8.83
C ASP B 159 27.20 20.43 9.74
N ASN B 160 27.21 20.66 11.06
CA ASN B 160 27.91 19.79 11.99
C ASN B 160 27.00 19.15 13.04
N GLN B 161 25.79 19.65 13.26
CA GLN B 161 24.89 19.12 14.27
C GLN B 161 23.59 18.67 13.62
N ILE B 162 23.12 17.49 14.01
CA ILE B 162 21.88 16.93 13.52
C ILE B 162 21.14 16.28 14.69
N VAL B 163 19.82 16.45 14.73
CA VAL B 163 18.99 15.82 15.75
C VAL B 163 18.23 14.73 15.08
N THR B 164 18.23 13.52 15.62
CA THR B 164 17.52 12.36 15.10
C THR B 164 16.60 11.78 16.16
N SER B 165 15.51 11.19 15.68
CA SER B 165 14.58 10.51 16.58
C SER B 165 14.61 9.07 16.10
N SER B 166 14.39 8.12 17.00
CA SER B 166 14.46 6.71 16.68
C SER B 166 13.33 5.96 17.37
N GLY B 167 13.14 4.71 16.96
CA GLY B 167 12.17 3.83 17.55
C GLY B 167 12.58 3.21 18.86
N ASP B 168 13.80 3.51 19.33
CA ASP B 168 14.26 3.05 20.63
C ASP B 168 13.85 4.00 21.76
N THR B 169 12.82 4.82 21.53
CA THR B 169 12.22 5.74 22.50
C THR B 169 13.15 6.89 22.89
N THR B 170 14.24 7.11 22.16
CA THR B 170 15.18 8.17 22.49
C THR B 170 15.48 9.03 21.26
N CYS B 171 15.52 10.33 21.48
CA CYS B 171 16.06 11.27 20.51
C CYS B 171 17.53 11.52 20.83
N ALA B 172 18.28 11.92 19.79
CA ALA B 172 19.71 12.13 19.95
C ALA B 172 20.15 13.36 19.19
N LEU B 173 21.20 14.00 19.69
CA LEU B 173 21.88 15.09 19.00
C LEU B 173 23.29 14.63 18.68
N TRP B 174 23.70 14.75 17.42
CA TRP B 174 24.94 14.18 16.94
C TRP B 174 25.95 15.26 16.60
N ASP B 175 27.23 14.95 16.82
CA ASP B 175 28.34 15.74 16.32
C ASP B 175 28.79 15.08 15.01
N ILE B 176 28.47 15.70 13.88
CA ILE B 176 28.66 15.04 12.60
C ILE B 176 30.13 14.77 12.34
N GLU B 177 30.99 15.76 12.60
CA GLU B 177 32.42 15.57 12.39
C GLU B 177 32.98 14.48 13.29
N THR B 178 32.58 14.49 14.56
CA THR B 178 33.06 13.46 15.49
C THR B 178 32.38 12.13 15.23
N GLY B 179 31.08 12.14 14.96
CA GLY B 179 30.34 10.93 14.71
C GLY B 179 29.73 10.27 15.93
N GLN B 180 29.68 10.96 17.06
CA GLN B 180 29.14 10.42 18.29
C GLN B 180 27.98 11.27 18.79
N GLN B 181 27.19 10.70 19.70
CA GLN B 181 26.02 11.38 20.23
C GLN B 181 26.46 12.39 21.28
N THR B 182 26.36 13.67 20.94
CA THR B 182 26.65 14.71 21.92
C THR B 182 25.66 14.69 23.07
N THR B 183 24.38 14.51 22.76
CA THR B 183 23.32 14.53 23.76
C THR B 183 22.30 13.45 23.45
N THR B 184 21.84 12.75 24.47
CA THR B 184 20.79 11.74 24.35
C THR B 184 19.58 12.19 25.14
N PHE B 185 18.43 12.26 24.48
CA PHE B 185 17.19 12.69 25.10
C PHE B 185 16.34 11.47 25.43
N THR B 186 16.02 11.30 26.71
CA THR B 186 15.26 10.15 27.18
C THR B 186 14.04 10.62 27.96
N GLY B 187 13.04 9.75 28.03
CA GLY B 187 11.81 10.08 28.71
C GLY B 187 10.57 9.55 28.00
N HIS B 188 10.64 9.44 26.68
CA HIS B 188 9.55 8.84 25.93
C HIS B 188 9.46 7.34 26.24
N THR B 189 8.23 6.84 26.35
CA THR B 189 7.99 5.44 26.62
C THR B 189 7.53 4.67 25.39
N GLY B 190 7.63 5.27 24.21
CA GLY B 190 7.23 4.62 22.98
C GLY B 190 8.12 5.08 21.83
N ASP B 191 7.92 4.46 20.67
CA ASP B 191 8.70 4.81 19.50
C ASP B 191 8.46 6.27 19.13
N VAL B 192 9.52 7.05 19.03
CA VAL B 192 9.41 8.44 18.60
C VAL B 192 9.25 8.45 17.09
N MET B 193 8.14 9.01 16.59
CA MET B 193 7.88 8.98 15.15
C MET B 193 8.36 10.21 14.39
N SER B 194 8.27 11.39 15.00
CA SER B 194 8.64 12.60 14.28
C SER B 194 9.22 13.67 15.19
N LEU B 195 10.13 14.50 14.67
CA LEU B 195 10.72 15.58 15.44
C LEU B 195 10.79 16.87 14.62
N SER B 196 10.44 18.01 15.22
CA SER B 196 10.49 19.28 14.51
C SER B 196 11.35 20.23 15.31
N LEU B 197 12.16 21.04 14.63
CA LEU B 197 13.04 21.98 15.31
C LEU B 197 12.41 23.34 15.46
N ALA B 198 12.86 24.10 16.45
CA ALA B 198 12.34 25.45 16.62
C ALA B 198 12.94 26.47 15.63
N PRO B 199 12.23 27.62 15.35
CA PRO B 199 12.91 28.60 14.48
C PRO B 199 14.25 29.05 15.02
N ASP B 200 14.41 29.15 16.33
CA ASP B 200 15.69 29.53 16.92
C ASP B 200 16.63 28.34 17.10
N THR B 201 16.17 27.12 16.82
CA THR B 201 16.94 25.89 16.94
C THR B 201 17.49 25.66 18.35
N ARG B 202 16.92 26.34 19.35
CA ARG B 202 17.31 26.11 20.73
C ARG B 202 16.41 25.10 21.44
N LEU B 203 15.23 24.82 20.88
CA LEU B 203 14.32 23.83 21.43
C LEU B 203 13.77 23.00 20.28
N PHE B 204 13.29 21.80 20.61
CA PHE B 204 12.60 20.98 19.62
C PHE B 204 11.61 20.08 20.33
N VAL B 205 10.57 19.68 19.62
CA VAL B 205 9.53 18.80 20.14
C VAL B 205 9.55 17.50 19.36
N SER B 206 9.11 16.43 20.02
CA SER B 206 9.06 15.11 19.42
C SER B 206 7.70 14.48 19.69
N GLY B 207 7.27 13.65 18.74
CA GLY B 207 6.04 12.91 18.91
C GLY B 207 6.30 11.42 18.93
N ALA B 208 5.82 10.74 19.95
CA ALA B 208 6.12 9.32 20.16
C ALA B 208 4.85 8.50 20.07
N CYS B 209 5.00 7.19 20.28
CA CYS B 209 3.90 6.24 20.28
C CYS B 209 3.31 6.04 21.67
N ASP B 210 3.44 7.04 22.55
CA ASP B 210 2.79 7.03 23.85
C ASP B 210 1.78 8.17 23.98
N ALA B 211 1.35 8.73 22.85
CA ALA B 211 0.37 9.82 22.81
C ALA B 211 0.85 11.04 23.58
N SER B 212 2.16 11.26 23.63
CA SER B 212 2.74 12.38 24.34
C SER B 212 3.75 13.10 23.45
N ALA B 213 3.80 14.42 23.59
CA ALA B 213 4.77 15.24 22.89
C ALA B 213 5.60 15.99 23.93
N LYS B 214 6.92 15.91 23.81
CA LYS B 214 7.83 16.44 24.81
C LYS B 214 8.66 17.57 24.22
N LEU B 215 8.85 18.63 25.01
CA LEU B 215 9.73 19.73 24.67
C LEU B 215 11.12 19.46 25.25
N TRP B 216 12.13 19.45 24.40
CA TRP B 216 13.50 19.22 24.83
C TRP B 216 14.32 20.50 24.70
N ASP B 217 15.40 20.57 25.47
CA ASP B 217 16.36 21.64 25.39
C ASP B 217 17.63 21.08 24.73
N VAL B 218 18.03 21.71 23.63
CA VAL B 218 19.15 21.18 22.85
C VAL B 218 20.44 21.23 23.66
N ARG B 219 20.71 22.34 24.33
CA ARG B 219 21.97 22.50 25.04
C ARG B 219 22.02 21.65 26.30
N GLU B 220 20.93 21.64 27.09
CA GLU B 220 20.93 20.95 28.37
C GLU B 220 20.51 19.48 28.27
N GLY B 221 19.79 19.10 27.23
CA GLY B 221 19.37 17.72 27.08
C GLY B 221 18.37 17.26 28.12
N MET B 222 17.41 18.12 28.47
CA MET B 222 16.39 17.81 29.46
C MET B 222 15.02 18.06 28.88
N CYS B 223 14.04 17.29 29.34
CA CYS B 223 12.65 17.44 28.90
C CYS B 223 12.04 18.63 29.65
N ARG B 224 11.85 19.75 28.96
CA ARG B 224 11.30 20.93 29.61
C ARG B 224 9.83 20.74 29.98
N GLN B 225 9.02 20.27 29.04
CA GLN B 225 7.59 20.11 29.24
C GLN B 225 7.12 18.84 28.56
N THR B 226 5.95 18.36 28.98
CA THR B 226 5.31 17.21 28.38
C THR B 226 3.85 17.54 28.10
N PHE B 227 3.38 17.19 26.90
CA PHE B 227 2.01 17.47 26.48
C PHE B 227 1.32 16.15 26.19
N THR B 228 0.17 15.95 26.83
CA THR B 228 -0.60 14.71 26.71
C THR B 228 -2.06 15.07 26.46
N GLY B 229 -2.49 14.97 25.20
CA GLY B 229 -3.87 15.20 24.86
C GLY B 229 -4.38 14.26 23.78
N HIS B 230 -3.51 13.38 23.30
CA HIS B 230 -3.85 12.45 22.24
C HIS B 230 -4.25 11.10 22.81
N GLU B 231 -4.96 10.30 22.02
CA GLU B 231 -5.42 9.02 22.48
C GLU B 231 -4.77 7.90 21.75
N SER B 232 -3.89 8.17 20.81
CA SER B 232 -3.15 7.12 20.13
C SER B 232 -1.79 7.67 19.74
N ASP B 233 -1.04 6.87 18.99
CA ASP B 233 0.34 7.23 18.62
C ASP B 233 0.37 8.50 17.78
N ILE B 234 1.30 9.38 18.10
CA ILE B 234 1.52 10.60 17.34
C ILE B 234 2.45 10.27 16.18
N ASN B 235 2.05 10.66 14.96
CA ASN B 235 2.82 10.35 13.77
C ASN B 235 3.53 11.56 13.18
N ALA B 236 3.15 12.78 13.55
CA ALA B 236 3.74 13.96 12.97
C ALA B 236 3.71 15.10 13.98
N ILE B 237 4.57 16.09 13.76
CA ILE B 237 4.70 17.23 14.65
C ILE B 237 5.34 18.36 13.87
N CYS B 238 5.02 19.60 14.26
CA CYS B 238 5.54 20.77 13.56
C CYS B 238 5.33 22.00 14.43
N PHE B 239 6.41 22.74 14.68
CA PHE B 239 6.28 24.01 15.38
C PHE B 239 5.46 25.01 14.59
N PHE B 240 4.70 25.83 15.32
CA PHE B 240 4.11 27.02 14.75
C PHE B 240 5.22 27.96 14.30
N PRO B 241 4.99 28.74 13.24
CA PRO B 241 6.03 29.68 12.80
C PRO B 241 6.49 30.65 13.87
N ASN B 242 5.60 31.04 14.78
CA ASN B 242 6.00 31.88 15.91
C ASN B 242 6.98 31.16 16.82
N GLY B 243 6.92 29.83 16.87
CA GLY B 243 7.78 29.05 17.73
C GLY B 243 7.25 28.84 19.13
N ASN B 244 6.10 29.42 19.47
CA ASN B 244 5.51 29.29 20.79
C ASN B 244 4.39 28.26 20.83
N ALA B 245 4.21 27.50 19.77
CA ALA B 245 3.15 26.49 19.69
C ALA B 245 3.55 25.44 18.67
N PHE B 246 2.84 24.32 18.71
CA PHE B 246 3.09 23.26 17.73
C PHE B 246 1.81 22.43 17.57
N ALA B 247 1.76 21.67 16.48
CA ALA B 247 0.63 20.82 16.17
C ALA B 247 1.10 19.39 15.95
N THR B 248 0.26 18.44 16.32
CA THR B 248 0.56 17.02 16.23
C THR B 248 -0.53 16.30 15.47
N GLY B 249 -0.14 15.25 14.76
CA GLY B 249 -1.09 14.40 14.07
C GLY B 249 -0.97 12.96 14.52
N SER B 250 -2.07 12.38 14.98
CA SER B 250 -2.03 11.08 15.62
C SER B 250 -2.88 10.07 14.83
N ASP B 251 -2.88 8.83 15.32
CA ASP B 251 -3.64 7.75 14.71
C ASP B 251 -5.13 7.81 15.03
N ASP B 252 -5.54 8.66 15.97
CA ASP B 252 -6.94 8.84 16.30
C ASP B 252 -7.66 9.77 15.33
N ALA B 253 -7.06 10.05 14.18
CA ALA B 253 -7.65 10.91 13.15
C ALA B 253 -7.94 12.30 13.71
N THR B 254 -6.94 12.88 14.37
CA THR B 254 -7.12 14.17 15.03
C THR B 254 -5.81 14.93 15.06
N CYS B 255 -5.88 16.22 14.71
CA CYS B 255 -4.78 17.16 14.94
C CYS B 255 -5.08 17.98 16.18
N ARG B 256 -4.04 18.22 16.98
CA ARG B 256 -4.16 19.00 18.20
C ARG B 256 -3.04 20.03 18.25
N LEU B 257 -3.38 21.26 18.59
CA LEU B 257 -2.43 22.36 18.64
C LEU B 257 -2.16 22.70 20.11
N PHE B 258 -0.89 22.59 20.50
CA PHE B 258 -0.47 22.83 21.88
C PHE B 258 0.31 24.14 21.97
N ASP B 259 0.21 24.80 23.12
CA ASP B 259 0.92 26.04 23.37
C ASP B 259 2.03 25.79 24.40
N LEU B 260 3.23 26.26 24.11
CA LEU B 260 4.34 25.98 24.98
C LEU B 260 4.21 26.76 26.27
N ARG B 261 3.84 28.02 26.18
CA ARG B 261 3.75 28.85 27.39
C ARG B 261 2.54 28.45 28.23
N ALA B 262 1.41 28.14 27.58
CA ALA B 262 0.22 27.72 28.30
C ALA B 262 0.31 26.29 28.82
N ASP B 263 1.27 25.50 28.34
CA ASP B 263 1.56 24.16 28.84
C ASP B 263 0.39 23.19 28.64
N GLN B 264 -0.51 23.48 27.71
CA GLN B 264 -1.65 22.59 27.49
C GLN B 264 -2.22 22.82 26.11
N GLU B 265 -3.06 21.88 25.69
CA GLU B 265 -3.69 21.93 24.38
C GLU B 265 -4.58 23.18 24.25
N LEU B 266 -4.62 23.73 23.04
CA LEU B 266 -5.47 24.88 22.75
C LEU B 266 -6.71 24.50 21.95
N MET B 267 -6.55 23.81 20.83
CA MET B 267 -7.69 23.50 19.99
C MET B 267 -7.51 22.12 19.38
N THR B 268 -8.62 21.50 19.00
CA THR B 268 -8.65 20.15 18.45
C THR B 268 -9.24 20.19 17.05
N TYR B 269 -8.55 19.59 16.08
CA TYR B 269 -8.97 19.55 14.69
C TYR B 269 -9.39 18.13 14.36
N SER B 270 -10.69 17.85 14.47
CA SER B 270 -11.21 16.53 14.16
C SER B 270 -12.68 16.63 13.79
N HIS B 271 -13.17 15.57 13.15
CA HIS B 271 -14.57 15.46 12.79
C HIS B 271 -14.93 13.99 12.70
N ASP B 272 -16.23 13.70 12.73
CA ASP B 272 -16.68 12.32 12.69
C ASP B 272 -16.55 11.70 11.30
N ASN B 273 -16.48 12.53 10.25
CA ASN B 273 -16.29 12.00 8.90
C ASN B 273 -14.93 11.33 8.75
N ILE B 274 -13.88 11.92 9.31
CA ILE B 274 -12.53 11.38 9.18
C ILE B 274 -12.30 10.33 10.26
N ILE B 275 -11.83 9.15 9.84
CA ILE B 275 -11.56 8.06 10.77
C ILE B 275 -10.17 7.50 10.49
N CYS B 276 -9.55 7.95 9.40
CA CYS B 276 -8.23 7.47 9.01
C CYS B 276 -7.14 8.27 9.73
N GLY B 277 -6.05 7.58 10.06
CA GLY B 277 -4.99 8.22 10.80
C GLY B 277 -4.24 9.26 9.99
N ILE B 278 -3.47 10.08 10.69
CA ILE B 278 -2.74 11.20 10.10
C ILE B 278 -1.27 10.84 10.04
N THR B 279 -0.64 11.13 8.90
CA THR B 279 0.75 10.77 8.68
C THR B 279 1.71 11.95 8.67
N SER B 280 1.22 13.16 8.37
CA SER B 280 2.08 14.33 8.28
C SER B 280 1.27 15.58 8.58
N VAL B 281 1.93 16.57 9.18
CA VAL B 281 1.34 17.88 9.41
C VAL B 281 2.36 18.94 9.03
N SER B 282 1.86 20.14 8.72
CA SER B 282 2.70 21.27 8.39
C SER B 282 1.88 22.53 8.46
N PHE B 283 2.55 23.65 8.72
CA PHE B 283 1.92 24.96 8.79
C PHE B 283 2.29 25.77 7.57
N SER B 284 1.44 26.74 7.24
CA SER B 284 1.78 27.70 6.20
C SER B 284 2.77 28.72 6.76
N LYS B 285 3.15 29.68 5.91
CA LYS B 285 4.13 30.68 6.33
C LYS B 285 3.60 31.52 7.48
N SER B 286 2.33 31.92 7.42
CA SER B 286 1.73 32.70 8.50
C SER B 286 1.30 31.85 9.68
N GLY B 287 1.21 30.53 9.50
CA GLY B 287 0.69 29.66 10.53
C GLY B 287 -0.82 29.58 10.59
N ARG B 288 -1.53 30.31 9.73
CA ARG B 288 -2.98 30.28 9.75
C ARG B 288 -3.54 28.97 9.22
N LEU B 289 -2.86 28.36 8.24
CA LEU B 289 -3.33 27.12 7.64
C LEU B 289 -2.49 25.95 8.16
N LEU B 290 -3.17 24.92 8.64
CA LEU B 290 -2.53 23.68 9.05
C LEU B 290 -2.89 22.60 8.05
N LEU B 291 -1.88 22.04 7.39
CA LEU B 291 -2.09 21.02 6.36
C LEU B 291 -1.71 19.67 6.96
N ALA B 292 -2.62 18.70 6.86
CA ALA B 292 -2.42 17.38 7.43
C ALA B 292 -2.65 16.33 6.37
N GLY B 293 -1.76 15.34 6.31
CA GLY B 293 -1.89 14.22 5.39
C GLY B 293 -2.42 13.00 6.12
N TYR B 294 -3.42 12.36 5.54
CA TYR B 294 -4.12 11.25 6.16
C TYR B 294 -3.83 9.96 5.41
N ASP B 295 -4.36 8.86 5.95
CA ASP B 295 -4.29 7.56 5.28
C ASP B 295 -5.38 7.36 4.25
N ASP B 296 -6.32 8.31 4.13
CA ASP B 296 -7.45 8.17 3.22
C ASP B 296 -7.17 8.74 1.84
N PHE B 297 -5.90 8.73 1.42
CA PHE B 297 -5.42 9.00 0.06
C PHE B 297 -5.33 10.50 -0.25
N ASN B 298 -5.73 11.39 0.66
CA ASN B 298 -5.68 12.81 0.37
C ASN B 298 -5.32 13.57 1.64
N CYS B 299 -5.33 14.91 1.54
CA CYS B 299 -4.96 15.75 2.66
C CYS B 299 -6.03 16.74 2.93
N ASN B 300 -6.05 17.36 4.09
CA ASN B 300 -7.02 18.37 4.49
C ASN B 300 -6.29 19.64 4.90
N VAL B 301 -6.76 20.78 4.42
CA VAL B 301 -6.19 22.08 4.75
C VAL B 301 -7.06 22.66 5.86
N TRP B 302 -6.62 22.45 7.10
CA TRP B 302 -7.37 22.96 8.25
C TRP B 302 -7.15 24.45 8.43
N ASP B 303 -7.90 25.02 9.37
CA ASP B 303 -7.71 26.39 9.82
C ASP B 303 -7.16 26.33 11.24
N ALA B 304 -5.98 26.91 11.45
CA ALA B 304 -5.32 26.77 12.74
C ALA B 304 -6.08 27.48 13.86
N LEU B 305 -6.82 28.54 13.53
CA LEU B 305 -7.55 29.31 14.53
C LEU B 305 -9.00 28.91 14.64
N LYS B 306 -9.74 28.91 13.53
CA LYS B 306 -11.16 28.56 13.55
C LYS B 306 -11.41 27.07 13.67
N ALA B 307 -10.40 26.23 13.39
CA ALA B 307 -10.49 24.78 13.47
C ALA B 307 -11.54 24.19 12.52
N ASP B 308 -11.93 24.95 11.50
CA ASP B 308 -12.88 24.51 10.49
C ASP B 308 -12.13 24.20 9.21
N ARG B 309 -12.38 23.01 8.65
CA ARG B 309 -11.68 22.61 7.43
C ARG B 309 -12.00 23.57 6.30
N ALA B 310 -10.96 24.00 5.58
CA ALA B 310 -11.10 25.00 4.54
C ALA B 310 -10.62 24.53 3.17
N GLY B 311 -10.22 23.28 3.03
CA GLY B 311 -9.77 22.80 1.74
C GLY B 311 -9.39 21.33 1.83
N VAL B 312 -9.20 20.74 0.65
CA VAL B 312 -8.79 19.34 0.53
C VAL B 312 -7.74 19.24 -0.56
N LEU B 313 -6.65 18.52 -0.32
CA LEU B 313 -5.63 18.28 -1.34
C LEU B 313 -5.79 16.90 -1.88
N ALA B 314 -6.73 16.71 -2.79
CA ALA B 314 -7.04 15.42 -3.40
C ALA B 314 -6.31 15.28 -4.73
N GLY B 315 -5.97 14.05 -5.06
CA GLY B 315 -5.23 13.79 -6.28
C GLY B 315 -4.09 12.79 -6.12
N HIS B 316 -4.03 12.14 -4.96
CA HIS B 316 -3.05 11.09 -4.72
C HIS B 316 -3.76 9.73 -4.74
N ASP B 317 -3.16 8.77 -5.43
CA ASP B 317 -3.77 7.46 -5.65
C ASP B 317 -3.41 6.45 -4.56
N ASN B 318 -2.73 6.87 -3.51
CA ASN B 318 -2.41 5.98 -2.40
C ASN B 318 -2.23 6.81 -1.14
N ARG B 319 -1.77 6.16 -0.07
CA ARG B 319 -1.61 6.84 1.22
C ARG B 319 -0.57 7.94 1.11
N VAL B 320 -0.90 9.12 1.64
CA VAL B 320 0.03 10.25 1.67
C VAL B 320 0.95 10.09 2.87
N SER B 321 2.24 9.94 2.60
CA SER B 321 3.21 9.63 3.65
C SER B 321 3.99 10.84 4.15
N CYS B 322 4.07 11.92 3.36
CA CYS B 322 4.86 13.08 3.74
C CYS B 322 4.22 14.34 3.19
N LEU B 323 4.57 15.46 3.78
CA LEU B 323 3.99 16.75 3.42
C LEU B 323 4.88 17.85 3.97
N GLY B 324 5.29 18.77 3.10
CA GLY B 324 6.17 19.84 3.51
C GLY B 324 5.83 21.13 2.79
N VAL B 325 6.11 22.24 3.47
CA VAL B 325 5.83 23.58 2.98
C VAL B 325 7.15 24.32 2.85
N THR B 326 7.31 25.08 1.76
CA THR B 326 8.54 25.82 1.53
C THR B 326 8.73 26.90 2.59
N ASP B 327 10.00 27.27 2.80
CA ASP B 327 10.31 28.26 3.83
C ASP B 327 9.73 29.63 3.52
N ASP B 328 9.50 29.93 2.24
CA ASP B 328 8.80 31.15 1.87
C ASP B 328 7.30 30.95 1.71
N GLY B 329 6.81 29.74 1.94
CA GLY B 329 5.39 29.46 1.87
C GLY B 329 4.81 29.38 0.49
N MET B 330 5.64 29.40 -0.55
CA MET B 330 5.13 29.47 -1.91
C MET B 330 4.40 28.19 -2.31
N ALA B 331 4.90 27.03 -1.87
CA ALA B 331 4.39 25.76 -2.38
C ALA B 331 4.32 24.73 -1.26
N VAL B 332 3.48 23.73 -1.49
CA VAL B 332 3.35 22.56 -0.62
C VAL B 332 3.61 21.32 -1.46
N ALA B 333 4.56 20.50 -1.04
CA ALA B 333 4.88 19.26 -1.73
C ALA B 333 4.43 18.10 -0.87
N THR B 334 3.59 17.24 -1.44
CA THR B 334 3.08 16.06 -0.76
C THR B 334 3.51 14.82 -1.53
N GLY B 335 4.17 13.90 -0.84
CA GLY B 335 4.49 12.61 -1.40
C GLY B 335 3.53 11.55 -0.90
N SER B 336 3.40 10.48 -1.68
CA SER B 336 2.47 9.42 -1.34
C SER B 336 3.03 8.09 -1.80
N TRP B 337 2.30 7.02 -1.48
CA TRP B 337 2.74 5.68 -1.84
C TRP B 337 2.53 5.36 -3.32
N ASP B 338 1.88 6.24 -4.08
CA ASP B 338 1.72 6.04 -5.51
C ASP B 338 2.94 6.50 -6.30
N SER B 339 4.05 6.78 -5.63
CA SER B 339 5.36 7.03 -6.23
C SER B 339 5.48 8.39 -6.89
N PHE B 340 4.68 9.37 -6.48
CA PHE B 340 4.79 10.72 -7.05
C PHE B 340 4.80 11.75 -5.93
N LEU B 341 5.44 12.88 -6.22
CA LEU B 341 5.31 14.10 -5.42
C LEU B 341 4.52 15.11 -6.22
N LYS B 342 3.59 15.80 -5.56
CA LYS B 342 2.79 16.83 -6.19
C LYS B 342 3.02 18.15 -5.46
N ILE B 343 3.35 19.19 -6.22
CA ILE B 343 3.53 20.53 -5.67
C ILE B 343 2.23 21.29 -5.85
N TRP B 344 1.68 21.78 -4.75
CA TRP B 344 0.40 22.46 -4.74
C TRP B 344 0.61 23.94 -4.43
N ASN B 345 -0.16 24.79 -5.09
CA ASN B 345 -0.01 26.23 -4.92
C ASN B 345 -1.26 26.96 -5.39
N THR C 6 15.42 -2.81 42.06
CA THR C 6 16.03 -1.49 42.21
C THR C 6 15.75 -0.61 40.99
N ALA C 7 15.46 -1.26 39.86
CA ALA C 7 15.13 -0.52 38.66
C ALA C 7 13.80 0.23 38.81
N SER C 8 12.82 -0.40 39.45
CA SER C 8 11.49 0.21 39.57
C SER C 8 11.55 1.48 40.40
N ILE C 9 12.24 1.45 41.54
CA ILE C 9 12.32 2.63 42.39
C ILE C 9 13.11 3.74 41.71
N ALA C 10 14.15 3.38 40.96
CA ALA C 10 14.91 4.39 40.23
C ALA C 10 14.05 5.05 39.16
N GLN C 11 13.28 4.25 38.42
CA GLN C 11 12.38 4.82 37.42
C GLN C 11 11.33 5.71 38.06
N ALA C 12 10.78 5.28 39.20
CA ALA C 12 9.77 6.08 39.89
C ALA C 12 10.34 7.40 40.37
N ARG C 13 11.55 7.38 40.94
CA ARG C 13 12.14 8.63 41.43
C ARG C 13 12.52 9.54 40.27
N LYS C 14 12.97 8.97 39.15
CA LYS C 14 13.25 9.78 37.97
C LYS C 14 11.98 10.43 37.45
N LEU C 15 10.87 9.68 37.42
CA LEU C 15 9.60 10.25 37.00
C LEU C 15 9.14 11.34 37.95
N VAL C 16 9.34 11.14 39.26
CA VAL C 16 8.96 12.15 40.24
C VAL C 16 9.77 13.42 40.03
N GLU C 17 11.08 13.29 39.83
CA GLU C 17 11.91 14.48 39.59
C GLU C 17 11.52 15.19 38.31
N GLN C 18 11.23 14.43 37.24
CA GLN C 18 10.80 15.03 35.99
C GLN C 18 9.48 15.77 36.16
N LEU C 19 8.54 15.17 36.88
CA LEU C 19 7.25 15.83 37.12
C LEU C 19 7.43 17.09 37.96
N LYS C 20 8.33 17.04 38.95
CA LYS C 20 8.60 18.23 39.76
C LYS C 20 9.18 19.35 38.90
N MET C 21 10.13 19.02 38.03
CA MET C 21 10.71 20.03 37.14
C MET C 21 9.67 20.60 36.20
N GLU C 22 8.79 19.75 35.66
CA GLU C 22 7.75 20.22 34.75
C GLU C 22 6.74 21.11 35.49
N ALA C 23 6.42 20.77 36.74
CA ALA C 23 5.48 21.58 37.51
C ALA C 23 6.09 22.92 37.88
N ASN C 24 7.39 22.95 38.15
CA ASN C 24 8.07 24.19 38.56
C ASN C 24 8.40 25.05 37.34
N ILE C 25 7.35 25.49 36.65
CA ILE C 25 7.46 26.38 35.51
C ILE C 25 6.45 27.50 35.66
N ASP C 26 6.66 28.58 34.92
CA ASP C 26 5.79 29.75 34.96
C ASP C 26 4.87 29.72 33.73
N ARG C 27 3.64 29.27 33.94
CA ARG C 27 2.66 29.23 32.86
C ARG C 27 1.92 30.57 32.77
N ILE C 28 1.40 30.84 31.57
CA ILE C 28 0.61 32.04 31.36
C ILE C 28 -0.83 31.64 31.04
N LYS C 29 -1.71 32.62 30.88
CA LYS C 29 -3.11 32.35 30.64
C LYS C 29 -3.35 31.93 29.19
N VAL C 30 -4.28 30.99 29.00
CA VAL C 30 -4.64 30.55 27.66
C VAL C 30 -5.20 31.71 26.85
N SER C 31 -5.86 32.67 27.51
CA SER C 31 -6.32 33.86 26.80
C SER C 31 -5.14 34.63 26.21
N LYS C 32 -4.07 34.81 26.99
CA LYS C 32 -2.88 35.49 26.50
C LYS C 32 -2.23 34.70 25.37
N ALA C 33 -2.13 33.39 25.53
CA ALA C 33 -1.50 32.57 24.48
C ALA C 33 -2.28 32.66 23.17
N ALA C 34 -3.61 32.56 23.25
CA ALA C 34 -4.44 32.65 22.06
C ALA C 34 -4.38 34.04 21.44
N ALA C 35 -4.33 35.08 22.28
CA ALA C 35 -4.21 36.43 21.75
C ALA C 35 -2.89 36.62 21.01
N ASP C 36 -1.79 36.10 21.56
CA ASP C 36 -0.50 36.21 20.90
C ASP C 36 -0.49 35.42 19.59
N LEU C 37 -1.10 34.23 19.58
CA LEU C 37 -1.17 33.44 18.36
C LEU C 37 -1.97 34.17 17.29
N MET C 38 -3.10 34.75 17.68
CA MET C 38 -3.92 35.54 16.77
C MET C 38 -3.13 36.73 16.22
N ALA C 39 -2.39 37.41 17.09
CA ALA C 39 -1.62 38.57 16.68
C ALA C 39 -0.57 38.20 15.66
N TYR C 40 0.13 37.09 15.89
CA TYR C 40 1.14 36.65 14.91
C TYR C 40 0.49 36.29 13.58
N CYS C 41 -0.62 35.54 13.63
CA CYS C 41 -1.28 35.13 12.39
C CYS C 41 -1.76 36.34 11.60
N GLU C 42 -2.30 37.35 12.27
CA GLU C 42 -2.80 38.53 11.57
C GLU C 42 -1.66 39.43 11.10
N ALA C 43 -0.57 39.49 11.85
CA ALA C 43 0.56 40.32 11.44
C ALA C 43 1.26 39.76 10.22
N HIS C 44 1.36 38.43 10.13
CA HIS C 44 2.03 37.79 9.00
C HIS C 44 1.04 37.24 7.98
N ALA C 45 -0.21 37.73 7.99
CA ALA C 45 -1.22 37.20 7.07
C ALA C 45 -0.94 37.61 5.63
N LYS C 46 -0.56 38.87 5.41
CA LYS C 46 -0.36 39.36 4.05
C LYS C 46 0.90 38.83 3.40
N GLU C 47 1.77 38.16 4.15
CA GLU C 47 3.00 37.59 3.62
C GLU C 47 2.86 36.11 3.29
N ASP C 48 1.65 35.55 3.35
CA ASP C 48 1.44 34.14 3.11
C ASP C 48 0.82 33.95 1.73
N PRO C 49 1.57 33.45 0.74
CA PRO C 49 0.97 33.21 -0.58
C PRO C 49 -0.13 32.18 -0.57
N LEU C 50 -0.08 31.19 0.31
CA LEU C 50 -1.14 30.20 0.38
C LEU C 50 -2.45 30.82 0.87
N LEU C 51 -2.37 31.70 1.87
CA LEU C 51 -3.58 32.36 2.38
C LEU C 51 -4.17 33.29 1.33
N THR C 52 -3.35 34.18 0.76
CA THR C 52 -3.79 35.10 -0.27
C THR C 52 -3.12 34.73 -1.59
N PRO C 53 -3.88 34.29 -2.60
CA PRO C 53 -3.23 33.81 -3.83
C PRO C 53 -2.36 34.87 -4.47
N VAL C 54 -1.23 34.42 -5.01
CA VAL C 54 -0.22 35.31 -5.58
C VAL C 54 -0.47 35.41 -7.08
N PRO C 55 -0.18 36.55 -7.71
CA PRO C 55 -0.32 36.63 -9.17
C PRO C 55 0.58 35.62 -9.88
N ALA C 56 0.09 35.13 -11.01
CA ALA C 56 0.80 34.10 -11.75
C ALA C 56 2.17 34.57 -12.22
N SER C 57 2.34 35.87 -12.42
CA SER C 57 3.66 36.39 -12.78
C SER C 57 4.66 36.20 -11.64
N GLU C 58 4.24 36.47 -10.40
CA GLU C 58 5.11 36.26 -9.25
C GLU C 58 5.22 34.79 -8.88
N ASN C 59 4.19 34.01 -9.19
CA ASN C 59 4.20 32.59 -8.86
C ASN C 59 5.32 31.88 -9.61
N PRO C 60 6.22 31.19 -8.93
CA PRO C 60 7.30 30.46 -9.61
C PRO C 60 6.91 29.06 -10.08
N PHE C 61 5.65 28.67 -9.93
CA PHE C 61 5.19 27.34 -10.35
C PHE C 61 4.10 27.41 -11.41
N ARG C 62 4.02 28.53 -12.13
CA ARG C 62 3.04 28.67 -13.21
C ARG C 62 3.50 27.94 -14.47
N GLN D 2 -4.79 13.05 29.31
CA GLN D 2 -3.87 11.95 29.56
C GLN D 2 -4.60 10.61 29.54
N VAL D 3 -4.06 9.66 28.78
CA VAL D 3 -4.67 8.34 28.66
C VAL D 3 -4.17 7.48 29.82
N GLN D 4 -5.11 7.05 30.67
CA GLN D 4 -4.77 6.19 31.80
C GLN D 4 -5.85 5.13 31.95
N LEU D 5 -5.45 3.99 32.51
CA LEU D 5 -6.33 2.84 32.73
C LEU D 5 -6.12 2.37 34.17
N GLN D 6 -6.88 2.92 35.10
CA GLN D 6 -6.76 2.54 36.50
C GLN D 6 -7.63 1.32 36.78
N GLU D 7 -7.05 0.29 37.34
CA GLU D 7 -7.74 -0.96 37.62
C GLU D 7 -8.11 -1.06 39.10
N SER D 8 -8.88 -2.09 39.41
CA SER D 8 -9.31 -2.35 40.78
C SER D 8 -9.48 -3.86 40.94
N GLY D 9 -10.15 -4.27 42.02
CA GLY D 9 -10.33 -5.67 42.30
C GLY D 9 -9.06 -6.32 42.83
N GLY D 10 -9.04 -7.65 42.75
CA GLY D 10 -7.89 -8.41 43.20
C GLY D 10 -7.85 -8.60 44.70
N GLY D 11 -6.79 -9.24 45.15
CA GLY D 11 -6.57 -9.54 46.56
C GLY D 11 -6.53 -11.03 46.81
N LEU D 12 -6.51 -11.39 48.08
CA LEU D 12 -6.49 -12.79 48.47
C LEU D 12 -7.81 -13.46 48.13
N VAL D 13 -7.72 -14.73 47.73
CA VAL D 13 -8.91 -15.53 47.43
C VAL D 13 -8.52 -17.00 47.55
N GLN D 14 -9.47 -17.80 48.04
CA GLN D 14 -9.26 -19.23 48.15
C GLN D 14 -9.41 -19.89 46.78
N PRO D 15 -8.79 -21.06 46.58
CA PRO D 15 -8.97 -21.78 45.32
C PRO D 15 -10.44 -22.11 45.10
N GLY D 16 -10.89 -21.94 43.86
CA GLY D 16 -12.28 -22.05 43.53
C GLY D 16 -13.10 -20.81 43.81
N GLY D 17 -12.48 -19.75 44.34
CA GLY D 17 -13.18 -18.52 44.63
C GLY D 17 -13.42 -17.69 43.38
N SER D 18 -13.98 -16.50 43.60
CA SER D 18 -14.34 -15.60 42.52
C SER D 18 -13.84 -14.20 42.80
N LEU D 19 -13.47 -13.49 41.73
CA LEU D 19 -13.08 -12.09 41.80
C LEU D 19 -13.61 -11.38 40.57
N ARG D 20 -13.87 -10.09 40.71
CA ARG D 20 -14.39 -9.26 39.62
C ARG D 20 -13.49 -8.04 39.45
N LEU D 21 -12.58 -8.12 38.49
CA LEU D 21 -11.67 -7.00 38.22
C LEU D 21 -12.40 -5.93 37.41
N SER D 22 -12.09 -4.66 37.71
CA SER D 22 -12.69 -3.54 36.97
C SER D 22 -11.61 -2.68 36.32
N CYS D 23 -11.95 -1.86 35.33
CA CYS D 23 -10.97 -0.96 34.72
C CYS D 23 -11.51 0.39 34.38
N ALA D 24 -11.25 1.36 35.22
CA ALA D 24 -11.62 2.75 34.95
C ALA D 24 -10.80 3.34 33.80
N ALA D 25 -11.42 3.48 32.63
CA ALA D 25 -10.74 4.04 31.47
C ALA D 25 -11.13 5.49 31.30
N SER D 26 -10.13 6.35 31.08
CA SER D 26 -10.36 7.76 30.91
C SER D 26 -9.35 8.31 29.91
N GLY D 27 -9.68 9.47 29.35
CA GLY D 27 -8.81 10.14 28.40
C GLY D 27 -9.00 9.75 26.96
N PHE D 28 -9.90 8.82 26.66
CA PHE D 28 -10.12 8.39 25.30
C PHE D 28 -11.54 7.87 25.15
N THR D 29 -11.97 7.74 23.89
CA THR D 29 -13.31 7.23 23.58
C THR D 29 -13.30 5.72 23.76
N PHE D 30 -13.87 5.25 24.87
CA PHE D 30 -13.87 3.82 25.18
C PHE D 30 -14.59 3.01 24.12
N SER D 31 -15.62 3.58 23.49
CA SER D 31 -16.41 2.85 22.50
C SER D 31 -15.67 2.63 21.19
N ASN D 32 -14.51 3.25 21.01
CA ASN D 32 -13.78 3.17 19.75
C ASN D 32 -12.68 2.11 19.73
N TYR D 33 -12.21 1.68 20.90
CA TYR D 33 -11.04 0.83 20.99
C TYR D 33 -11.41 -0.55 21.51
N LYS D 34 -10.86 -1.58 20.87
CA LYS D 34 -10.94 -2.93 21.42
C LYS D 34 -10.11 -3.02 22.68
N MET D 35 -10.60 -3.78 23.66
CA MET D 35 -9.96 -3.85 24.96
C MET D 35 -9.52 -5.28 25.25
N ASN D 36 -8.43 -5.42 26.00
CA ASN D 36 -7.85 -6.70 26.31
C ASN D 36 -7.61 -6.83 27.81
N TRP D 37 -7.39 -8.06 28.25
CA TRP D 37 -6.96 -8.35 29.62
C TRP D 37 -5.65 -9.11 29.55
N VAL D 38 -4.63 -8.61 30.23
CA VAL D 38 -3.29 -9.17 30.21
C VAL D 38 -2.84 -9.40 31.65
N ARG D 39 -2.20 -10.55 31.88
CA ARG D 39 -1.68 -10.88 33.20
C ARG D 39 -0.23 -11.30 33.09
N GLN D 40 0.53 -11.05 34.16
CA GLN D 40 1.95 -11.40 34.21
C GLN D 40 2.19 -12.23 35.46
N ALA D 41 2.31 -13.54 35.28
CA ALA D 41 2.59 -14.42 36.39
C ALA D 41 4.02 -14.19 36.90
N PRO D 42 4.26 -14.38 38.20
CA PRO D 42 5.63 -14.23 38.71
C PRO D 42 6.59 -15.18 38.01
N GLY D 43 7.75 -14.64 37.64
CA GLY D 43 8.73 -15.43 36.92
C GLY D 43 8.42 -15.70 35.47
N LYS D 44 7.40 -15.05 34.92
CA LYS D 44 6.99 -15.27 33.54
C LYS D 44 6.69 -13.94 32.88
N GLY D 45 6.62 -13.95 31.55
CA GLY D 45 6.28 -12.77 30.79
C GLY D 45 4.79 -12.53 30.72
N LEU D 46 4.42 -11.42 30.09
CA LEU D 46 3.02 -11.06 29.97
C LEU D 46 2.29 -12.03 29.04
N GLU D 47 1.07 -12.37 29.41
CA GLU D 47 0.26 -13.33 28.65
C GLU D 47 -1.13 -12.76 28.44
N TRP D 48 -1.57 -12.73 27.19
CA TRP D 48 -2.91 -12.26 26.86
C TRP D 48 -3.94 -13.24 27.37
N VAL D 49 -5.00 -12.72 27.99
CA VAL D 49 -6.03 -13.53 28.62
C VAL D 49 -7.33 -13.51 27.82
N SER D 50 -7.84 -12.32 27.52
CA SER D 50 -9.11 -12.20 26.82
C SER D 50 -9.20 -10.83 26.18
N ASP D 51 -10.12 -10.71 25.22
CA ASP D 51 -10.37 -9.42 24.61
C ASP D 51 -11.82 -9.32 24.15
N ILE D 52 -12.32 -8.12 23.98
CA ILE D 52 -13.68 -7.85 23.56
C ILE D 52 -13.67 -6.71 22.55
N SER D 53 -14.47 -6.85 21.50
CA SER D 53 -14.49 -5.86 20.44
C SER D 53 -15.15 -4.56 20.93
N GLN D 54 -15.26 -3.60 20.01
CA GLN D 54 -15.85 -2.31 20.37
C GLN D 54 -17.30 -2.45 20.78
N SER D 55 -18.10 -3.16 19.99
CA SER D 55 -19.50 -3.35 20.31
C SER D 55 -19.69 -4.29 21.48
N GLY D 56 -18.96 -5.40 21.49
CA GLY D 56 -19.11 -6.41 22.52
C GLY D 56 -19.59 -7.73 21.96
N ALA D 57 -19.69 -7.82 20.64
CA ALA D 57 -20.14 -9.04 19.99
C ALA D 57 -19.02 -10.07 19.90
N SER D 58 -17.90 -9.68 19.31
CA SER D 58 -16.78 -10.59 19.13
C SER D 58 -15.98 -10.66 20.43
N ILE D 59 -15.99 -11.84 21.07
CA ILE D 59 -15.29 -12.06 22.32
C ILE D 59 -14.48 -13.35 22.20
N SER D 60 -13.26 -13.31 22.70
CA SER D 60 -12.39 -14.46 22.64
C SER D 60 -11.67 -14.64 23.95
N TYR D 61 -11.23 -15.85 24.22
CA TYR D 61 -10.55 -16.14 25.48
C TYR D 61 -9.34 -17.03 25.21
N THR D 62 -8.40 -17.00 26.15
CA THR D 62 -7.32 -17.98 26.16
C THR D 62 -7.87 -19.33 26.59
N GLY D 63 -7.25 -20.40 26.07
CA GLY D 63 -7.72 -21.74 26.36
C GLY D 63 -7.67 -22.10 27.83
N SER D 64 -6.65 -21.62 28.54
CA SER D 64 -6.50 -21.98 29.95
C SER D 64 -7.55 -21.35 30.84
N VAL D 65 -8.23 -20.31 30.37
CA VAL D 65 -9.25 -19.63 31.16
C VAL D 65 -10.61 -19.65 30.46
N LYS D 66 -10.73 -20.37 29.37
CA LYS D 66 -11.99 -20.39 28.62
C LYS D 66 -13.08 -21.07 29.42
N GLY D 67 -14.27 -20.48 29.41
CA GLY D 67 -15.42 -20.98 30.13
C GLY D 67 -15.59 -20.38 31.52
N ARG D 68 -14.49 -20.22 32.25
CA ARG D 68 -14.56 -19.65 33.60
C ARG D 68 -14.63 -18.13 33.55
N PHE D 69 -13.59 -17.49 33.02
CA PHE D 69 -13.56 -16.04 32.96
C PHE D 69 -14.59 -15.53 31.97
N THR D 70 -15.11 -14.33 32.22
CA THR D 70 -16.07 -13.69 31.34
C THR D 70 -15.77 -12.19 31.33
N ILE D 71 -15.41 -11.67 30.17
CA ILE D 71 -15.12 -10.25 30.01
C ILE D 71 -16.38 -9.52 29.60
N SER D 72 -16.62 -8.37 30.22
CA SER D 72 -17.75 -7.52 29.87
C SER D 72 -17.31 -6.07 29.89
N ARG D 73 -17.70 -5.32 28.88
CA ARG D 73 -17.39 -3.90 28.79
C ARG D 73 -18.67 -3.09 28.94
N ASP D 74 -18.53 -1.92 29.55
CA ASP D 74 -19.65 -1.01 29.80
C ASP D 74 -19.29 0.33 29.15
N ASN D 75 -19.69 0.48 27.88
CA ASN D 75 -19.31 1.68 27.14
C ASN D 75 -19.93 2.94 27.72
N ALA D 76 -21.06 2.81 28.42
CA ALA D 76 -21.69 3.97 29.02
C ALA D 76 -20.83 4.54 30.15
N LYS D 77 -20.23 3.67 30.97
CA LYS D 77 -19.42 4.09 32.10
C LYS D 77 -17.93 3.98 31.85
N ASN D 78 -17.52 3.51 30.67
CA ASN D 78 -16.11 3.34 30.33
C ASN D 78 -15.39 2.46 31.36
N THR D 79 -15.84 1.21 31.44
CA THR D 79 -15.28 0.26 32.39
C THR D 79 -15.22 -1.13 31.75
N LEU D 80 -14.16 -1.87 32.06
CA LEU D 80 -13.97 -3.23 31.57
C LEU D 80 -13.91 -4.18 32.75
N TYR D 81 -14.62 -5.30 32.64
CA TYR D 81 -14.74 -6.26 33.73
C TYR D 81 -14.20 -7.61 33.29
N LEU D 82 -13.89 -8.44 34.29
CA LEU D 82 -13.45 -9.82 34.05
C LEU D 82 -13.91 -10.66 35.24
N GLN D 83 -15.00 -11.38 35.06
CA GLN D 83 -15.53 -12.24 36.12
C GLN D 83 -14.61 -13.44 36.29
N MET D 84 -13.78 -13.42 37.33
CA MET D 84 -12.77 -14.45 37.54
C MET D 84 -13.25 -15.48 38.56
N ASN D 85 -14.31 -16.20 38.21
CA ASN D 85 -14.82 -17.24 39.08
C ASN D 85 -14.14 -18.58 38.79
N SER D 86 -14.19 -19.48 39.76
CA SER D 86 -13.52 -20.78 39.70
C SER D 86 -12.02 -20.61 39.47
N LEU D 87 -11.39 -19.89 40.39
CA LEU D 87 -9.97 -19.60 40.28
C LEU D 87 -9.13 -20.80 40.69
N LYS D 88 -7.88 -20.79 40.23
CA LYS D 88 -6.91 -21.84 40.50
C LYS D 88 -5.60 -21.20 40.93
N PRO D 89 -4.75 -21.95 41.65
CA PRO D 89 -3.46 -21.39 42.09
C PRO D 89 -2.55 -20.97 40.95
N GLU D 90 -2.78 -21.48 39.73
CA GLU D 90 -2.00 -21.06 38.58
C GLU D 90 -2.40 -19.68 38.07
N ASP D 91 -3.47 -19.10 38.61
CA ASP D 91 -3.99 -17.82 38.14
C ASP D 91 -3.44 -16.62 38.91
N THR D 92 -2.53 -16.84 39.86
CA THR D 92 -1.95 -15.74 40.64
C THR D 92 -1.03 -14.94 39.75
N ALA D 93 -1.42 -13.71 39.43
CA ALA D 93 -0.63 -12.85 38.55
C ALA D 93 -1.10 -11.42 38.74
N VAL D 94 -0.30 -10.49 38.23
CA VAL D 94 -0.68 -9.08 38.16
C VAL D 94 -1.44 -8.88 36.85
N TYR D 95 -2.70 -8.47 36.97
CA TYR D 95 -3.59 -8.36 35.81
C TYR D 95 -3.60 -6.92 35.31
N TYR D 96 -3.12 -6.70 34.10
CA TYR D 96 -3.06 -5.37 33.53
C TYR D 96 -4.19 -5.21 32.56
N CYS D 97 -4.78 -4.05 32.46
CA CYS D 97 -5.79 -3.86 31.47
C CYS D 97 -5.00 -3.26 30.42
N ALA D 98 -5.35 -3.52 29.21
CA ALA D 98 -4.71 -2.97 28.04
C ALA D 98 -5.73 -2.74 26.93
N ARG D 99 -5.46 -1.76 26.08
CA ARG D 99 -6.31 -1.46 24.94
C ARG D 99 -5.49 -1.48 23.68
N CYS D 100 -6.09 -1.81 22.55
CA CYS D 100 -5.39 -1.83 21.28
C CYS D 100 -4.98 -0.41 20.89
N PRO D 101 -3.81 -0.27 20.24
CA PRO D 101 -3.25 1.07 20.02
C PRO D 101 -4.12 1.99 19.19
N ALA D 102 -4.87 1.46 18.23
CA ALA D 102 -5.59 2.32 17.30
C ALA D 102 -7.07 2.01 17.30
N PRO D 103 -7.92 2.99 17.01
CA PRO D 103 -9.36 2.74 16.98
C PRO D 103 -9.80 2.20 15.63
N PHE D 104 -10.98 1.58 15.63
CA PHE D 104 -11.63 1.05 14.42
C PHE D 104 -10.81 -0.05 13.77
N THR D 105 -10.01 -0.78 14.55
CA THR D 105 -9.16 -1.83 14.02
C THR D 105 -9.41 -3.15 14.75
N ARG D 106 -9.33 -4.25 14.00
CA ARG D 106 -9.40 -5.59 14.55
C ARG D 106 -8.03 -6.17 14.86
N ASP D 107 -6.96 -5.44 14.60
CA ASP D 107 -5.59 -5.90 14.83
C ASP D 107 -5.02 -5.18 16.04
N CYS D 108 -4.33 -5.93 16.91
CA CYS D 108 -3.75 -5.38 18.13
C CYS D 108 -2.35 -6.00 18.27
N PHE D 109 -1.35 -5.32 17.70
CA PHE D 109 0.01 -5.86 17.70
C PHE D 109 0.61 -5.83 19.10
N ASP D 110 0.88 -4.64 19.61
CA ASP D 110 1.67 -4.50 20.85
C ASP D 110 0.96 -4.32 22.14
N VAL D 111 0.35 -5.36 22.65
CA VAL D 111 -0.44 -5.36 23.86
C VAL D 111 0.27 -6.06 25.01
N THR D 112 0.90 -7.20 24.72
CA THR D 112 1.72 -7.91 25.70
C THR D 112 3.18 -7.46 25.67
N SER D 113 3.44 -6.24 25.21
CA SER D 113 4.80 -5.73 25.13
C SER D 113 5.34 -5.43 26.53
N THR D 114 6.67 -5.37 26.62
CA THR D 114 7.32 -5.11 27.90
C THR D 114 6.98 -3.71 28.41
N THR D 115 6.96 -2.71 27.53
CA THR D 115 6.77 -1.32 27.90
C THR D 115 5.66 -0.69 27.07
N TYR D 116 4.53 -1.37 26.98
CA TYR D 116 3.37 -0.84 26.26
C TYR D 116 2.85 0.41 26.98
N ALA D 117 2.48 1.42 26.18
CA ALA D 117 2.10 2.70 26.74
C ALA D 117 0.63 2.73 27.19
N TYR D 118 -0.27 2.19 26.37
CA TYR D 118 -1.70 2.23 26.66
C TYR D 118 -2.11 1.00 27.49
N ARG D 119 -1.47 0.83 28.62
CA ARG D 119 -1.85 -0.25 29.52
C ARG D 119 -1.94 0.28 30.93
N GLY D 120 -2.65 -0.41 31.79
CA GLY D 120 -2.86 0.00 33.17
C GLY D 120 -1.69 -0.34 34.07
N GLN D 121 -1.75 0.15 35.30
CA GLN D 121 -0.66 -0.12 36.25
C GLN D 121 -0.71 -1.54 36.72
N GLY D 122 -1.90 -2.08 36.88
CA GLY D 122 -2.02 -3.49 37.22
C GLY D 122 -2.76 -3.77 38.50
N THR D 123 -3.31 -4.99 38.61
CA THR D 123 -4.01 -5.45 39.81
C THR D 123 -3.39 -6.75 40.27
N GLN D 124 -2.98 -6.80 41.53
CA GLN D 124 -2.36 -8.00 42.09
C GLN D 124 -3.44 -8.97 42.51
N VAL D 125 -3.50 -10.12 41.86
CA VAL D 125 -4.46 -11.17 42.17
C VAL D 125 -3.67 -12.39 42.65
N THR D 126 -3.97 -12.85 43.86
CA THR D 126 -3.29 -14.00 44.44
C THR D 126 -4.31 -15.01 44.93
N VAL D 127 -4.02 -16.29 44.74
CA VAL D 127 -4.89 -17.39 45.12
C VAL D 127 -4.12 -18.28 46.10
N SER D 128 -4.72 -18.52 47.26
CA SER D 128 -4.09 -19.34 48.28
C SER D 128 -5.08 -20.27 48.97
N SER E 19 -35.77 1.00 -50.93
CA SER E 19 -36.61 2.15 -50.62
C SER E 19 -35.79 3.24 -49.95
N ASN E 20 -36.26 4.49 -50.10
CA ASN E 20 -35.54 5.61 -49.53
C ASN E 20 -35.49 5.53 -48.00
N ASP E 21 -36.59 5.15 -47.38
CA ASP E 21 -36.62 5.04 -45.92
C ASP E 21 -35.66 3.95 -45.44
N VAL E 22 -35.66 2.80 -46.13
CA VAL E 22 -34.77 1.71 -45.75
C VAL E 22 -33.31 2.12 -45.93
N ARG E 23 -33.01 2.80 -47.03
CA ARG E 23 -31.64 3.25 -47.27
C ARG E 23 -31.20 4.25 -46.20
N ALA E 24 -32.09 5.18 -45.83
CA ALA E 24 -31.75 6.14 -44.78
C ALA E 24 -31.52 5.45 -43.44
N SER E 25 -32.37 4.46 -43.10
CA SER E 25 -32.18 3.73 -41.86
C SER E 25 -30.86 2.96 -41.84
N LEU E 26 -30.54 2.30 -42.96
CA LEU E 26 -29.27 1.58 -43.04
C LEU E 26 -28.09 2.52 -42.91
N TYR E 27 -28.15 3.68 -43.58
CA TYR E 27 -27.07 4.65 -43.48
C TYR E 27 -26.92 5.16 -42.05
N SER E 28 -28.04 5.42 -41.38
CA SER E 28 -27.99 5.89 -40.00
C SER E 28 -27.36 4.83 -39.09
N LEU E 29 -27.76 3.57 -39.25
CA LEU E 29 -27.19 2.52 -38.42
C LEU E 29 -25.69 2.37 -38.67
N MET E 30 -25.29 2.41 -39.94
CA MET E 30 -23.87 2.24 -40.26
C MET E 30 -23.04 3.41 -39.76
N VAL E 31 -23.55 4.64 -39.88
CA VAL E 31 -22.78 5.78 -39.39
C VAL E 31 -22.73 5.77 -37.86
N LEU E 32 -23.79 5.28 -37.20
CA LEU E 32 -23.73 5.11 -35.76
C LEU E 32 -22.65 4.10 -35.38
N ILE E 33 -22.55 3.00 -36.12
CA ILE E 33 -21.48 2.02 -35.87
C ILE E 33 -20.11 2.68 -36.04
N ILE E 34 -19.95 3.47 -37.11
CA ILE E 34 -18.65 4.08 -37.39
C ILE E 34 -18.26 5.04 -36.27
N LEU E 35 -19.19 5.90 -35.85
CA LEU E 35 -18.90 6.83 -34.77
C LEU E 35 -18.62 6.11 -33.46
N THR E 36 -19.36 5.05 -33.16
CA THR E 36 -19.10 4.31 -31.93
C THR E 36 -17.70 3.71 -31.95
N THR E 37 -17.32 3.10 -33.07
CA THR E 37 -15.98 2.53 -33.21
C THR E 37 -14.92 3.59 -33.00
N LEU E 38 -15.05 4.72 -33.72
CA LEU E 38 -14.04 5.76 -33.63
C LEU E 38 -13.94 6.34 -32.22
N VAL E 39 -15.09 6.61 -31.59
CA VAL E 39 -15.08 7.21 -30.26
C VAL E 39 -14.44 6.27 -29.25
N GLY E 40 -14.84 4.99 -29.27
CA GLY E 40 -14.26 4.05 -28.32
C GLY E 40 -12.77 3.88 -28.52
N ASN E 41 -12.34 3.71 -29.77
CA ASN E 41 -10.92 3.52 -30.03
C ASN E 41 -10.11 4.75 -29.66
N LEU E 42 -10.61 5.94 -29.98
CA LEU E 42 -9.89 7.16 -29.63
C LEU E 42 -9.81 7.33 -28.13
N ILE E 43 -10.88 6.99 -27.40
CA ILE E 43 -10.86 7.06 -25.94
C ILE E 43 -9.78 6.14 -25.39
N VAL E 44 -9.72 4.90 -25.91
CA VAL E 44 -8.71 3.97 -25.44
C VAL E 44 -7.30 4.50 -25.73
N ILE E 45 -7.09 5.01 -26.95
CA ILE E 45 -5.78 5.49 -27.34
C ILE E 45 -5.34 6.65 -26.43
N VAL E 46 -6.21 7.63 -26.22
CA VAL E 46 -5.83 8.79 -25.43
C VAL E 46 -5.64 8.40 -23.96
N SER E 47 -6.50 7.51 -23.44
CA SER E 47 -6.37 7.12 -22.05
C SER E 47 -5.09 6.33 -21.79
N ILE E 48 -4.64 5.54 -22.77
CA ILE E 48 -3.40 4.80 -22.57
C ILE E 48 -2.19 5.71 -22.80
N SER E 49 -2.26 6.62 -23.76
CA SER E 49 -1.11 7.45 -24.09
C SER E 49 -0.97 8.68 -23.20
N HIS E 50 -1.97 9.02 -22.38
CA HIS E 50 -1.88 10.16 -21.49
C HIS E 50 -1.58 9.80 -20.05
N PHE E 51 -2.15 8.71 -19.54
CA PHE E 51 -1.92 8.30 -18.16
C PHE E 51 -0.62 7.52 -18.08
N LYS E 52 0.25 7.91 -17.14
CA LYS E 52 1.55 7.27 -17.01
C LYS E 52 1.46 5.89 -16.37
N GLN E 53 0.49 5.69 -15.47
CA GLN E 53 0.34 4.38 -14.83
C GLN E 53 -0.11 3.32 -15.82
N LEU E 54 -0.79 3.71 -16.89
CA LEU E 54 -1.21 2.79 -17.94
C LEU E 54 -0.16 2.70 -19.04
N HIS E 55 1.09 2.44 -18.66
CA HIS E 55 2.19 2.36 -19.61
C HIS E 55 2.81 0.97 -19.63
N THR E 56 2.10 -0.03 -19.12
CA THR E 56 2.58 -1.39 -19.12
C THR E 56 2.63 -1.94 -20.54
N PRO E 57 3.56 -2.89 -20.81
CA PRO E 57 3.56 -3.46 -22.15
C PRO E 57 2.23 -4.05 -22.63
N THR E 58 1.46 -4.68 -21.77
CA THR E 58 0.13 -5.16 -22.16
C THR E 58 -0.76 -4.01 -22.60
N ASN E 59 -0.70 -2.90 -21.86
CA ASN E 59 -1.47 -1.71 -22.25
C ASN E 59 -0.96 -1.15 -23.57
N TRP E 60 0.33 -1.27 -23.85
CA TRP E 60 0.84 -0.84 -25.16
C TRP E 60 0.30 -1.73 -26.27
N LEU E 61 0.21 -3.02 -26.04
CA LEU E 61 -0.38 -3.93 -27.03
C LEU E 61 -1.84 -3.58 -27.28
N ILE E 62 -2.60 -3.30 -26.21
CA ILE E 62 -3.99 -2.91 -26.36
C ILE E 62 -4.10 -1.57 -27.08
N HIS E 63 -3.17 -0.65 -26.81
CA HIS E 63 -3.14 0.63 -27.50
C HIS E 63 -2.89 0.45 -28.99
N SER E 64 -1.97 -0.43 -29.36
CA SER E 64 -1.71 -0.70 -30.77
C SER E 64 -2.95 -1.30 -31.44
N MET E 65 -3.62 -2.23 -30.75
CA MET E 65 -4.85 -2.78 -31.30
C MET E 65 -5.92 -1.70 -31.48
N ALA E 66 -6.03 -0.79 -30.52
CA ALA E 66 -6.99 0.29 -30.63
C ALA E 66 -6.66 1.20 -31.81
N THR E 67 -5.37 1.45 -32.04
CA THR E 67 -4.98 2.23 -33.22
C THR E 67 -5.32 1.50 -34.51
N VAL E 68 -5.14 0.17 -34.53
CA VAL E 68 -5.53 -0.61 -35.70
C VAL E 68 -7.01 -0.43 -35.98
N ASP E 69 -7.83 -0.58 -34.95
CA ASP E 69 -9.28 -0.47 -35.13
C ASP E 69 -9.69 0.95 -35.50
N PHE E 70 -9.02 1.95 -34.94
CA PHE E 70 -9.31 3.34 -35.28
C PHE E 70 -8.98 3.64 -36.73
N LEU E 71 -7.83 3.17 -37.20
CA LEU E 71 -7.48 3.36 -38.60
C LEU E 71 -8.46 2.62 -39.50
N LEU E 72 -8.92 1.45 -39.07
CA LEU E 72 -9.95 0.74 -39.82
C LEU E 72 -11.20 1.60 -39.95
N GLY E 73 -11.72 2.10 -38.81
CA GLY E 73 -12.93 2.89 -38.82
C GLY E 73 -12.79 4.22 -39.55
N CYS E 74 -11.58 4.74 -39.67
CA CYS E 74 -11.37 6.00 -40.37
C CYS E 74 -11.17 5.81 -41.88
N LEU E 75 -10.49 4.73 -42.28
CA LEU E 75 -10.03 4.59 -43.65
C LEU E 75 -10.83 3.58 -44.47
N VAL E 76 -11.65 2.73 -43.86
CA VAL E 76 -12.35 1.72 -44.62
C VAL E 76 -13.86 1.80 -44.43
N MET E 77 -14.30 1.83 -43.18
CA MET E 77 -15.74 1.84 -42.90
C MET E 77 -16.50 2.97 -43.58
N PRO E 78 -16.01 4.22 -43.65
CA PRO E 78 -16.81 5.26 -44.33
C PRO E 78 -17.13 4.94 -45.78
N TYR E 79 -16.20 4.31 -46.52
CA TYR E 79 -16.45 3.96 -47.90
C TYR E 79 -17.19 2.64 -48.05
N SER E 80 -16.90 1.67 -47.19
CA SER E 80 -17.68 0.44 -47.19
C SER E 80 -19.13 0.69 -46.84
N MET E 81 -19.41 1.78 -46.12
CA MET E 81 -20.79 2.15 -45.82
C MET E 81 -21.54 2.54 -47.08
N VAL E 82 -20.97 3.43 -47.89
CA VAL E 82 -21.65 3.85 -49.11
C VAL E 82 -21.67 2.71 -50.13
N ARG E 83 -20.72 1.78 -50.06
CA ARG E 83 -20.81 0.65 -50.98
C ARG E 83 -21.89 -0.30 -50.54
N SER E 84 -22.12 -0.44 -49.24
CA SER E 84 -23.11 -1.41 -48.84
C SER E 84 -24.48 -0.99 -49.32
N ALA E 85 -24.90 0.22 -48.99
CA ALA E 85 -26.20 0.71 -49.44
C ALA E 85 -26.37 0.92 -50.95
N GLU E 86 -25.38 1.49 -51.63
CA GLU E 86 -25.47 1.75 -53.05
C GLU E 86 -24.51 0.80 -53.73
N HIS E 87 -24.97 0.03 -54.70
CA HIS E 87 -24.11 -1.00 -55.25
C HIS E 87 -23.00 -0.40 -56.11
N CYS E 88 -23.21 0.82 -56.60
CA CYS E 88 -22.17 1.47 -57.40
C CYS E 88 -21.04 1.96 -56.52
N TRP E 89 -19.80 1.74 -56.97
CA TRP E 89 -18.61 2.20 -56.25
C TRP E 89 -18.11 3.40 -57.02
N TYR E 90 -18.41 4.59 -56.52
CA TYR E 90 -18.04 5.82 -57.21
C TYR E 90 -16.64 6.28 -56.88
N PHE E 91 -15.67 5.38 -56.97
CA PHE E 91 -14.31 5.71 -56.57
C PHE E 91 -13.23 5.25 -57.55
N GLY E 92 -13.55 4.41 -58.52
CA GLY E 92 -12.56 3.97 -59.48
C GLY E 92 -11.87 2.67 -59.06
N GLU E 93 -11.10 2.13 -60.00
CA GLU E 93 -10.47 0.82 -59.79
C GLU E 93 -9.27 0.91 -58.86
N VAL E 94 -8.45 1.97 -58.99
CA VAL E 94 -7.28 2.09 -58.14
C VAL E 94 -7.68 2.31 -56.68
N PHE E 95 -8.70 3.14 -56.46
CA PHE E 95 -9.22 3.30 -55.11
C PHE E 95 -9.81 1.99 -54.59
N CYS E 96 -10.42 1.20 -55.47
CA CYS E 96 -10.92 -0.11 -55.06
C CYS E 96 -9.78 -1.01 -54.60
N LYS E 97 -8.69 -1.00 -55.32
CA LYS E 97 -7.55 -1.83 -54.96
C LYS E 97 -6.91 -1.39 -53.66
N ILE E 98 -6.81 -0.09 -53.44
CA ILE E 98 -6.28 0.44 -52.19
C ILE E 98 -7.22 0.11 -51.03
N HIS E 99 -8.53 0.28 -51.25
CA HIS E 99 -9.51 0.03 -50.20
C HIS E 99 -9.51 -1.43 -49.77
N THR E 100 -9.53 -2.35 -50.74
CA THR E 100 -9.52 -3.77 -50.40
C THR E 100 -8.23 -4.15 -49.68
N SER E 101 -7.09 -3.66 -50.17
CA SER E 101 -5.82 -3.98 -49.53
C SER E 101 -5.77 -3.46 -48.10
N THR E 102 -6.21 -2.22 -47.89
CA THR E 102 -6.18 -1.63 -46.55
C THR E 102 -7.13 -2.36 -45.62
N ASP E 103 -8.31 -2.73 -46.11
CA ASP E 103 -9.28 -3.45 -45.29
C ASP E 103 -8.74 -4.80 -44.85
N ILE E 104 -8.17 -5.56 -45.79
CA ILE E 104 -7.59 -6.86 -45.41
C ILE E 104 -6.44 -6.65 -44.43
N MET E 105 -5.58 -5.67 -44.70
CA MET E 105 -4.46 -5.37 -43.82
C MET E 105 -4.93 -5.12 -42.40
N LEU E 106 -5.88 -4.20 -42.23
CA LEU E 106 -6.28 -3.79 -40.89
C LEU E 106 -7.10 -4.86 -40.18
N SER E 107 -7.95 -5.60 -40.91
CA SER E 107 -8.66 -6.70 -40.26
C SER E 107 -7.71 -7.78 -39.77
N SER E 108 -6.77 -8.18 -40.59
CA SER E 108 -5.81 -9.16 -40.14
C SER E 108 -4.94 -8.63 -39.03
N ALA E 109 -4.55 -7.36 -39.06
CA ALA E 109 -3.80 -6.77 -37.96
C ALA E 109 -4.58 -6.80 -36.66
N SER E 110 -5.89 -6.48 -36.71
CA SER E 110 -6.70 -6.53 -35.51
C SER E 110 -6.80 -7.94 -34.96
N ILE E 111 -6.99 -8.93 -35.83
CA ILE E 111 -7.08 -10.30 -35.35
C ILE E 111 -5.74 -10.77 -34.79
N PHE E 112 -4.63 -10.36 -35.42
CA PHE E 112 -3.31 -10.68 -34.89
C PHE E 112 -3.11 -10.06 -33.51
N HIS E 113 -3.56 -8.82 -33.33
CA HIS E 113 -3.45 -8.18 -32.02
C HIS E 113 -4.28 -8.89 -30.97
N LEU E 114 -5.47 -9.38 -31.35
CA LEU E 114 -6.26 -10.17 -30.43
C LEU E 114 -5.51 -11.43 -30.00
N SER E 115 -4.91 -12.13 -30.97
CA SER E 115 -4.16 -13.33 -30.64
C SER E 115 -2.97 -13.02 -29.75
N PHE E 116 -2.30 -11.89 -30.00
CA PHE E 116 -1.13 -11.53 -29.21
C PHE E 116 -1.52 -11.15 -27.78
N ILE E 117 -2.66 -10.47 -27.62
CA ILE E 117 -3.16 -10.18 -26.29
C ILE E 117 -3.49 -11.46 -25.55
N SER E 118 -4.09 -12.43 -26.26
CA SER E 118 -4.37 -13.72 -25.65
C SER E 118 -3.08 -14.41 -25.20
N ILE E 119 -2.04 -14.36 -26.03
CA ILE E 119 -0.76 -14.97 -25.67
C ILE E 119 -0.16 -14.28 -24.45
N ASP E 120 -0.24 -12.94 -24.40
CA ASP E 120 0.28 -12.21 -23.25
C ASP E 120 -0.44 -12.59 -21.97
N ARG E 121 -1.77 -12.71 -22.02
CA ARG E 121 -2.50 -13.10 -20.81
C ARG E 121 -2.23 -14.56 -20.45
N TYR E 122 -2.01 -15.41 -21.45
CA TYR E 122 -1.60 -16.78 -21.16
C TYR E 122 -0.29 -16.80 -20.40
N TYR E 123 0.67 -15.98 -20.81
CA TYR E 123 1.93 -15.91 -20.08
C TYR E 123 1.72 -15.36 -18.67
N ALA E 124 0.88 -14.33 -18.55
CA ALA E 124 0.62 -13.75 -17.23
C ALA E 124 -0.02 -14.75 -16.28
N VAL E 125 -0.82 -15.68 -16.80
CA VAL E 125 -1.52 -16.63 -15.95
C VAL E 125 -0.69 -17.89 -15.68
N CYS E 126 -0.05 -18.45 -16.72
CA CYS E 126 0.63 -19.72 -16.58
C CYS E 126 2.10 -19.59 -16.17
N ASP E 127 2.73 -18.44 -16.43
CA ASP E 127 4.09 -18.18 -15.99
C ASP E 127 4.09 -16.84 -15.26
N PRO E 128 3.51 -16.80 -14.06
CA PRO E 128 3.36 -15.52 -13.37
C PRO E 128 4.63 -15.02 -12.71
N LEU E 129 5.57 -15.92 -12.38
CA LEU E 129 6.82 -15.51 -11.74
C LEU E 129 7.85 -14.99 -12.73
N ARG E 130 7.61 -15.17 -14.04
CA ARG E 130 8.50 -14.66 -15.08
C ARG E 130 7.73 -13.83 -16.09
N TYR E 131 6.55 -13.35 -15.71
CA TYR E 131 5.73 -12.59 -16.65
C TYR E 131 6.37 -11.25 -17.01
N LYS E 132 6.88 -10.52 -16.02
CA LYS E 132 7.50 -9.23 -16.29
C LYS E 132 8.79 -9.36 -17.08
N ALA E 133 9.43 -10.53 -17.05
CA ALA E 133 10.67 -10.75 -17.79
C ALA E 133 10.39 -11.21 -19.21
N LYS E 134 9.49 -12.18 -19.38
CA LYS E 134 9.20 -12.69 -20.72
C LYS E 134 8.45 -11.67 -21.55
N MET E 135 7.40 -11.08 -20.99
CA MET E 135 6.58 -10.11 -21.72
C MET E 135 7.05 -8.69 -21.40
N ASN E 136 8.21 -8.36 -21.96
CA ASN E 136 8.81 -7.04 -21.81
C ASN E 136 8.48 -6.18 -23.03
N ILE E 137 8.88 -4.91 -22.96
CA ILE E 137 8.51 -3.96 -24.00
C ILE E 137 9.14 -4.32 -25.33
N LEU E 138 10.32 -4.95 -25.31
CA LEU E 138 10.95 -5.35 -26.57
C LEU E 138 10.11 -6.40 -27.28
N VAL E 139 9.68 -7.44 -26.57
CA VAL E 139 8.83 -8.48 -27.17
C VAL E 139 7.49 -7.90 -27.60
N ILE E 140 6.91 -7.05 -26.77
CA ILE E 140 5.64 -6.42 -27.11
C ILE E 140 5.75 -5.58 -28.35
N CYS E 141 6.85 -4.83 -28.54
CA CYS E 141 7.06 -4.07 -29.76
C CYS E 141 7.30 -4.98 -30.95
N VAL E 142 7.98 -6.11 -30.73
CA VAL E 142 8.18 -7.07 -31.80
C VAL E 142 6.85 -7.60 -32.31
N MET E 143 5.96 -7.92 -31.37
CA MET E 143 4.64 -8.42 -31.71
C MET E 143 3.83 -7.36 -32.42
N ILE E 144 3.93 -6.13 -31.97
CA ILE E 144 3.22 -5.02 -32.62
C ILE E 144 3.70 -4.85 -34.05
N PHE E 145 5.03 -4.89 -34.26
CA PHE E 145 5.57 -4.77 -35.60
C PHE E 145 5.11 -5.92 -36.49
N ILE E 146 5.08 -7.14 -35.95
CA ILE E 146 4.62 -8.29 -36.74
C ILE E 146 3.16 -8.09 -37.15
N SER E 147 2.32 -7.69 -36.19
CA SER E 147 0.89 -7.50 -36.45
C SER E 147 0.66 -6.37 -37.45
N TRP E 148 1.52 -5.36 -37.47
CA TRP E 148 1.39 -4.28 -38.44
C TRP E 148 2.01 -4.58 -39.79
N SER E 149 2.98 -5.49 -39.86
CA SER E 149 3.74 -5.71 -41.08
C SER E 149 3.27 -6.93 -41.89
N VAL E 150 3.12 -8.08 -41.24
CA VAL E 150 2.73 -9.29 -41.98
C VAL E 150 1.38 -9.12 -42.69
N PRO E 151 0.34 -8.58 -41.98
CA PRO E 151 -0.85 -8.38 -42.78
C PRO E 151 -0.61 -7.44 -43.95
N ALA E 152 0.13 -6.36 -43.77
CA ALA E 152 0.37 -5.40 -44.84
C ALA E 152 0.95 -6.10 -46.07
N VAL E 153 2.03 -6.85 -45.87
CA VAL E 153 2.67 -7.55 -46.98
C VAL E 153 1.68 -8.52 -47.63
N PHE E 154 0.99 -9.31 -46.80
CA PHE E 154 0.07 -10.30 -47.34
C PHE E 154 -1.02 -9.64 -48.18
N ALA E 155 -1.71 -8.65 -47.61
CA ALA E 155 -2.84 -8.02 -48.29
C ALA E 155 -2.38 -7.33 -49.58
N PHE E 156 -1.32 -6.53 -49.51
CA PHE E 156 -0.91 -5.79 -50.69
C PHE E 156 -0.37 -6.71 -51.76
N GLY E 157 0.48 -7.68 -51.39
CA GLY E 157 1.01 -8.59 -52.38
C GLY E 157 0.01 -9.61 -52.90
N MET E 158 -1.15 -9.75 -52.27
CA MET E 158 -2.20 -10.57 -52.82
C MET E 158 -3.21 -9.78 -53.65
N ILE E 159 -3.41 -8.50 -53.35
CA ILE E 159 -4.38 -7.70 -54.08
C ILE E 159 -3.74 -6.97 -55.26
N PHE E 160 -2.71 -6.15 -55.01
CA PHE E 160 -2.09 -5.39 -56.09
C PHE E 160 -1.36 -6.25 -57.09
N LEU E 161 -0.95 -7.44 -56.68
CA LEU E 161 -0.30 -8.37 -57.60
C LEU E 161 -1.33 -9.28 -58.22
N GLU E 162 -2.60 -9.07 -57.89
CA GLU E 162 -3.68 -9.86 -58.45
C GLU E 162 -3.53 -11.34 -58.32
N LEU E 163 -3.23 -11.80 -57.12
CA LEU E 163 -3.16 -13.22 -56.86
C LEU E 163 -4.49 -13.77 -56.33
N ASN E 164 -5.43 -12.90 -55.96
CA ASN E 164 -6.68 -13.35 -55.38
C ASN E 164 -7.62 -13.94 -56.43
N PHE E 165 -7.58 -13.47 -57.67
CA PHE E 165 -8.38 -14.06 -58.73
C PHE E 165 -7.55 -14.67 -59.85
N LYS E 166 -6.24 -14.82 -59.67
CA LYS E 166 -5.43 -15.46 -60.70
C LYS E 166 -5.82 -16.92 -60.83
N GLY E 167 -6.08 -17.34 -62.08
CA GLY E 167 -6.57 -18.66 -62.37
C GLY E 167 -8.07 -18.76 -62.51
N ALA E 168 -8.80 -17.73 -62.08
CA ALA E 168 -10.26 -17.68 -62.21
C ALA E 168 -10.65 -16.30 -62.73
N GLU E 169 -9.96 -15.86 -63.79
CA GLU E 169 -10.07 -14.48 -64.25
C GLU E 169 -11.48 -14.15 -64.73
N GLU E 170 -12.04 -14.98 -65.61
CA GLU E 170 -13.29 -14.62 -66.27
C GLU E 170 -14.47 -14.75 -65.30
N ILE E 171 -14.35 -15.67 -64.35
CA ILE E 171 -15.38 -15.77 -63.32
C ILE E 171 -15.28 -14.50 -62.51
N TYR E 172 -14.07 -14.15 -62.09
CA TYR E 172 -13.86 -12.90 -61.36
C TYR E 172 -14.52 -11.74 -62.10
N TYR E 173 -14.41 -11.73 -63.43
CA TYR E 173 -14.96 -10.63 -64.21
C TYR E 173 -16.48 -10.60 -64.15
N LYS E 174 -17.12 -11.75 -64.29
CA LYS E 174 -18.58 -11.79 -64.17
C LYS E 174 -18.99 -11.37 -62.77
N HIS E 175 -18.27 -11.82 -61.76
CA HIS E 175 -18.64 -11.54 -60.37
C HIS E 175 -18.52 -10.06 -60.06
N VAL E 176 -17.44 -9.42 -60.51
CA VAL E 176 -17.27 -8.00 -60.26
C VAL E 176 -18.27 -7.19 -61.08
N HIS E 177 -18.56 -7.60 -62.31
CA HIS E 177 -19.48 -6.85 -63.13
C HIS E 177 -20.89 -6.86 -62.53
N CYS E 178 -21.32 -8.02 -62.01
CA CYS E 178 -22.68 -8.13 -61.49
C CYS E 178 -22.84 -7.39 -60.17
N ARG E 179 -21.89 -7.59 -59.24
CA ARG E 179 -22.06 -7.06 -57.88
C ARG E 179 -21.95 -5.54 -57.86
N GLY E 180 -20.85 -5.00 -58.37
CA GLY E 180 -20.64 -3.57 -58.30
C GLY E 180 -19.18 -3.33 -58.51
N GLY E 181 -18.71 -2.11 -58.30
CA GLY E 181 -17.31 -1.84 -58.62
C GLY E 181 -16.34 -2.67 -57.84
N CYS E 182 -16.59 -2.86 -56.55
CA CYS E 182 -15.72 -3.66 -55.72
C CYS E 182 -16.50 -4.84 -55.25
N SER E 183 -15.92 -6.01 -55.40
CA SER E 183 -16.57 -7.20 -54.88
C SER E 183 -15.44 -8.10 -54.52
N VAL E 184 -15.01 -8.03 -53.27
CA VAL E 184 -13.84 -8.80 -52.87
C VAL E 184 -14.03 -10.25 -53.26
N PHE E 185 -13.16 -10.74 -54.14
CA PHE E 185 -13.32 -12.08 -54.68
C PHE E 185 -12.15 -12.92 -54.30
N PHE E 186 -12.42 -14.14 -53.88
CA PHE E 186 -11.33 -15.03 -53.59
C PHE E 186 -11.54 -16.25 -54.45
N SER E 187 -10.47 -16.79 -54.97
CA SER E 187 -10.59 -18.01 -55.74
C SER E 187 -10.49 -19.14 -54.75
N LYS E 188 -10.60 -20.37 -55.22
CA LYS E 188 -10.57 -21.49 -54.31
C LYS E 188 -9.25 -21.55 -53.56
N ILE E 189 -8.15 -21.19 -54.21
CA ILE E 189 -6.85 -21.27 -53.56
C ILE E 189 -6.54 -20.06 -52.68
N SER E 190 -6.97 -18.88 -53.10
CA SER E 190 -6.63 -17.69 -52.35
C SER E 190 -7.63 -17.55 -51.24
N GLY E 191 -8.78 -18.17 -51.38
CA GLY E 191 -9.73 -18.13 -50.28
C GLY E 191 -9.25 -18.94 -49.09
N VAL E 192 -8.74 -20.15 -49.33
CA VAL E 192 -8.25 -20.98 -48.24
C VAL E 192 -7.04 -20.33 -47.56
N LEU E 193 -6.15 -19.75 -48.36
CA LEU E 193 -4.97 -19.09 -47.79
C LEU E 193 -5.38 -17.89 -46.95
N THR E 194 -6.31 -17.08 -47.41
CA THR E 194 -6.78 -15.94 -46.62
C THR E 194 -7.42 -16.43 -45.35
N PHE E 195 -8.25 -17.46 -45.43
CA PHE E 195 -8.82 -18.04 -44.21
C PHE E 195 -7.73 -18.40 -43.22
N MET E 196 -6.84 -19.32 -43.60
CA MET E 196 -5.82 -19.82 -42.69
C MET E 196 -4.86 -18.74 -42.23
N THR E 197 -4.74 -17.63 -42.95
CA THR E 197 -3.82 -16.58 -42.56
C THR E 197 -4.46 -15.51 -41.68
N SER E 198 -5.73 -15.17 -41.92
CA SER E 198 -6.35 -14.06 -41.20
C SER E 198 -7.24 -14.51 -40.05
N PHE E 199 -7.88 -15.67 -40.14
CA PHE E 199 -8.87 -16.05 -39.13
C PHE E 199 -8.49 -17.30 -38.35
N TYR E 200 -8.16 -18.39 -39.04
CA TYR E 200 -8.08 -19.68 -38.36
C TYR E 200 -6.92 -19.73 -37.37
N ILE E 201 -5.71 -19.37 -37.80
CA ILE E 201 -4.56 -19.49 -36.93
C ILE E 201 -4.69 -18.58 -35.71
N PRO E 202 -4.91 -17.27 -35.87
CA PRO E 202 -5.11 -16.44 -34.66
C PRO E 202 -6.35 -16.84 -33.88
N GLY E 203 -7.42 -17.24 -34.57
CA GLY E 203 -8.61 -17.68 -33.86
C GLY E 203 -8.39 -18.94 -33.06
N SER E 204 -7.68 -19.92 -33.65
CA SER E 204 -7.37 -21.14 -32.92
C SER E 204 -6.45 -20.86 -31.75
N ILE E 205 -5.48 -19.97 -31.93
CA ILE E 205 -4.60 -19.59 -30.81
C ILE E 205 -5.41 -18.99 -29.68
N MET E 206 -6.32 -18.05 -30.01
CA MET E 206 -7.16 -17.46 -28.98
C MET E 206 -8.02 -18.50 -28.28
N LEU E 207 -8.60 -19.42 -29.05
CA LEU E 207 -9.47 -20.44 -28.46
C LEU E 207 -8.70 -21.32 -27.49
N CYS E 208 -7.53 -21.82 -27.91
CA CYS E 208 -6.75 -22.69 -27.05
C CYS E 208 -6.29 -21.95 -25.79
N VAL E 209 -5.79 -20.74 -25.93
CA VAL E 209 -5.29 -20.08 -24.73
C VAL E 209 -6.44 -19.66 -23.80
N TYR E 210 -7.61 -19.29 -24.33
CA TYR E 210 -8.68 -18.95 -23.40
C TYR E 210 -9.31 -20.18 -22.78
N TYR E 211 -9.30 -21.31 -23.47
CA TYR E 211 -9.74 -22.55 -22.83
C TYR E 211 -8.79 -22.95 -21.70
N ARG E 212 -7.47 -22.85 -21.93
CA ARG E 212 -6.52 -23.16 -20.86
C ARG E 212 -6.69 -22.21 -19.67
N ILE E 213 -6.87 -20.92 -19.96
CA ILE E 213 -7.06 -19.94 -18.89
C ILE E 213 -8.34 -20.23 -18.12
N TYR E 214 -9.40 -20.62 -18.84
CA TYR E 214 -10.65 -20.98 -18.18
C TYR E 214 -10.45 -22.19 -17.27
N LEU E 215 -9.73 -23.20 -17.74
CA LEU E 215 -9.47 -24.37 -16.91
C LEU E 215 -8.73 -24.00 -15.63
N ILE E 216 -7.67 -23.20 -15.77
CA ILE E 216 -6.88 -22.82 -14.60
C ILE E 216 -7.70 -21.99 -13.63
N ALA E 217 -8.47 -21.03 -14.15
CA ALA E 217 -9.28 -20.18 -13.28
C ALA E 217 -10.38 -20.98 -12.58
N LYS E 218 -10.98 -21.94 -13.29
CA LYS E 218 -11.98 -22.79 -12.66
C LYS E 218 -11.36 -23.63 -11.55
N GLU E 219 -10.16 -24.17 -11.78
CA GLU E 219 -9.50 -24.94 -10.73
C GLU E 219 -9.22 -24.07 -9.51
N GLN E 220 -8.70 -22.85 -9.74
CA GLN E 220 -8.40 -21.97 -8.62
C GLN E 220 -9.67 -21.59 -7.85
N ALA E 221 -10.74 -21.25 -8.56
CA ALA E 221 -11.98 -20.89 -7.89
C ALA E 221 -12.55 -22.06 -7.11
N ARG E 222 -12.48 -23.26 -7.67
CA ARG E 222 -12.96 -24.44 -6.96
C ARG E 222 -12.16 -24.68 -5.68
N LEU E 223 -10.83 -24.56 -5.76
CA LEU E 223 -10.01 -24.75 -4.56
C LEU E 223 -10.34 -23.70 -3.50
N ILE E 224 -10.47 -22.44 -3.90
CA ILE E 224 -10.75 -21.37 -2.94
C ILE E 224 -12.11 -21.60 -2.28
N SER E 225 -13.11 -21.94 -3.09
CA SER E 225 -14.45 -22.19 -2.55
C SER E 225 -14.42 -23.37 -1.59
N ASP E 226 -13.75 -24.44 -1.98
CA ASP E 226 -13.67 -25.63 -1.14
C ASP E 226 -13.10 -25.29 0.22
N ALA E 227 -11.91 -24.69 0.23
CA ALA E 227 -11.26 -24.33 1.48
C ALA E 227 -12.15 -23.43 2.33
N ASN E 228 -12.72 -22.41 1.72
CA ASN E 228 -13.59 -21.50 2.45
C ASN E 228 -14.75 -22.24 3.09
N GLN E 229 -15.50 -23.00 2.30
CA GLN E 229 -16.69 -23.68 2.83
C GLN E 229 -16.29 -24.72 3.88
N LYS E 230 -15.15 -25.38 3.69
CA LYS E 230 -14.70 -26.36 4.68
C LYS E 230 -14.37 -25.69 6.00
N LEU E 231 -13.72 -24.53 5.96
CA LEU E 231 -13.32 -23.85 7.18
C LEU E 231 -14.36 -22.84 7.67
N GLN E 232 -15.50 -22.74 7.00
CA GLN E 232 -16.59 -21.88 7.46
C GLN E 232 -17.31 -22.51 8.65
N GLU E 246 -18.37 -15.45 -8.61
CA GLU E 246 -19.21 -16.54 -9.04
C GLU E 246 -19.19 -16.69 -10.56
N ARG E 247 -18.40 -17.65 -11.05
CA ARG E 247 -18.26 -17.93 -12.47
C ARG E 247 -17.80 -16.69 -13.22
N LYS E 248 -16.87 -15.96 -12.63
CA LYS E 248 -16.33 -14.80 -13.30
C LYS E 248 -15.49 -15.18 -14.52
N ALA E 249 -14.85 -16.34 -14.52
CA ALA E 249 -14.14 -16.77 -15.74
C ALA E 249 -15.09 -17.01 -16.88
N VAL E 250 -16.22 -17.62 -16.62
CA VAL E 250 -17.22 -17.85 -17.66
C VAL E 250 -17.77 -16.54 -18.21
N LYS E 251 -18.03 -15.59 -17.34
CA LYS E 251 -18.50 -14.30 -17.83
C LYS E 251 -17.45 -13.62 -18.63
N THR E 252 -16.20 -13.63 -18.18
CA THR E 252 -15.17 -12.88 -18.89
C THR E 252 -14.69 -13.52 -20.16
N LEU E 253 -14.42 -14.83 -20.15
CA LEU E 253 -13.96 -15.54 -21.33
C LEU E 253 -15.11 -15.83 -22.30
N GLY E 254 -16.31 -16.08 -21.79
CA GLY E 254 -17.45 -16.20 -22.66
C GLY E 254 -17.74 -14.92 -23.41
N ILE E 255 -17.65 -13.77 -22.74
CA ILE E 255 -17.85 -12.51 -23.43
C ILE E 255 -16.81 -12.34 -24.53
N VAL E 256 -15.54 -12.59 -24.19
CA VAL E 256 -14.47 -12.40 -25.17
C VAL E 256 -14.69 -13.27 -26.40
N MET E 257 -14.79 -14.59 -26.19
CA MET E 257 -14.89 -15.49 -27.33
C MET E 257 -16.22 -15.37 -28.05
N GLY E 258 -17.31 -15.06 -27.34
CA GLY E 258 -18.57 -14.85 -28.01
C GLY E 258 -18.55 -13.65 -28.92
N VAL E 259 -17.98 -12.53 -28.45
CA VAL E 259 -17.85 -11.37 -29.31
C VAL E 259 -17.02 -11.70 -30.54
N PHE E 260 -15.85 -12.33 -30.31
CA PHE E 260 -14.97 -12.64 -31.44
C PHE E 260 -15.67 -13.55 -32.45
N LEU E 261 -16.26 -14.65 -31.98
CA LEU E 261 -16.85 -15.62 -32.88
C LEU E 261 -18.07 -15.05 -33.60
N ILE E 262 -19.00 -14.44 -32.86
CA ILE E 262 -20.19 -13.89 -33.48
C ILE E 262 -19.82 -12.83 -34.52
N CYS E 263 -18.79 -12.04 -34.25
CA CYS E 263 -18.42 -11.00 -35.20
C CYS E 263 -17.69 -11.55 -36.42
N TRP E 264 -16.83 -12.55 -36.26
CA TRP E 264 -15.94 -12.96 -37.35
C TRP E 264 -16.30 -14.28 -38.01
N CYS E 265 -16.64 -15.31 -37.23
CA CYS E 265 -16.73 -16.66 -37.78
C CYS E 265 -17.76 -16.81 -38.90
N PRO E 266 -19.00 -16.33 -38.78
CA PRO E 266 -19.95 -16.50 -39.89
C PRO E 266 -19.45 -15.90 -41.20
N PHE E 267 -18.85 -14.71 -41.14
CA PHE E 267 -18.38 -14.06 -42.37
C PHE E 267 -17.29 -14.89 -43.03
N PHE E 268 -16.31 -15.35 -42.25
CA PHE E 268 -15.21 -16.11 -42.83
C PHE E 268 -15.69 -17.45 -43.34
N ILE E 269 -16.62 -18.09 -42.63
CA ILE E 269 -17.16 -19.37 -43.10
C ILE E 269 -17.84 -19.19 -44.45
N CYS E 270 -18.69 -18.17 -44.57
CA CYS E 270 -19.39 -17.95 -45.83
C CYS E 270 -18.45 -17.45 -46.93
N THR E 271 -17.37 -16.77 -46.55
CA THR E 271 -16.43 -16.26 -47.53
C THR E 271 -15.54 -17.36 -48.09
N VAL E 272 -15.21 -18.37 -47.27
CA VAL E 272 -14.37 -19.46 -47.74
C VAL E 272 -15.19 -20.57 -48.39
N MET E 273 -16.45 -20.76 -47.97
CA MET E 273 -17.31 -21.66 -48.73
C MET E 273 -17.72 -21.06 -50.06
N ASP E 274 -17.68 -19.73 -50.20
CA ASP E 274 -18.18 -19.09 -51.41
C ASP E 274 -17.45 -19.55 -52.67
N PRO E 275 -16.10 -19.67 -52.70
CA PRO E 275 -15.47 -20.23 -53.90
C PRO E 275 -15.96 -21.64 -54.22
N PHE E 276 -16.29 -22.42 -53.20
CA PHE E 276 -16.86 -23.75 -53.44
C PHE E 276 -18.37 -23.61 -53.64
N LEU E 277 -19.11 -24.71 -53.57
CA LEU E 277 -20.58 -24.67 -53.80
C LEU E 277 -21.02 -23.67 -54.87
N HIS E 278 -20.32 -23.64 -56.01
CA HIS E 278 -20.65 -22.74 -57.12
C HIS E 278 -21.21 -21.35 -56.80
N TYR E 279 -20.57 -20.59 -55.91
CA TYR E 279 -20.98 -19.20 -55.63
C TYR E 279 -22.50 -19.08 -55.57
N ILE E 280 -23.10 -19.75 -54.59
CA ILE E 280 -24.55 -19.71 -54.40
C ILE E 280 -24.99 -18.76 -53.30
N ILE E 281 -24.06 -18.24 -52.51
CA ILE E 281 -24.44 -17.36 -51.40
C ILE E 281 -24.95 -16.03 -51.96
N PRO E 282 -26.15 -15.58 -51.60
CA PRO E 282 -26.63 -14.31 -52.10
C PRO E 282 -25.81 -13.17 -51.53
N PRO E 283 -25.70 -12.06 -52.26
CA PRO E 283 -24.88 -10.93 -51.78
C PRO E 283 -25.38 -10.29 -50.49
N THR E 284 -26.68 -10.41 -50.18
CA THR E 284 -27.20 -9.82 -48.95
C THR E 284 -26.56 -10.46 -47.72
N LEU E 285 -26.41 -11.78 -47.73
CA LEU E 285 -25.74 -12.46 -46.63
C LEU E 285 -24.30 -11.99 -46.50
N ASN E 286 -23.61 -11.83 -47.63
CA ASN E 286 -22.23 -11.36 -47.60
C ASN E 286 -22.14 -9.95 -47.00
N ASP E 287 -23.07 -9.07 -47.37
CA ASP E 287 -23.06 -7.70 -46.83
C ASP E 287 -23.32 -7.70 -45.34
N VAL E 288 -24.33 -8.45 -44.90
CA VAL E 288 -24.64 -8.48 -43.47
C VAL E 288 -23.47 -9.05 -42.69
N LEU E 289 -22.83 -10.10 -43.22
CA LEU E 289 -21.72 -10.71 -42.50
C LEU E 289 -20.48 -9.82 -42.51
N ILE E 290 -20.26 -9.05 -43.58
CA ILE E 290 -19.12 -8.15 -43.58
C ILE E 290 -19.32 -7.02 -42.58
N TRP E 291 -20.56 -6.56 -42.42
CA TRP E 291 -20.80 -5.57 -41.37
C TRP E 291 -20.72 -6.18 -39.98
N PHE E 292 -21.09 -7.44 -39.84
CA PHE E 292 -20.85 -8.14 -38.57
C PHE E 292 -19.37 -8.22 -38.25
N GLY E 293 -18.55 -8.48 -39.27
CA GLY E 293 -17.10 -8.45 -39.07
C GLY E 293 -16.60 -7.07 -38.70
N TYR E 294 -17.17 -6.03 -39.32
CA TYR E 294 -16.82 -4.66 -38.94
C TYR E 294 -17.15 -4.40 -37.48
N LEU E 295 -18.23 -5.00 -36.98
CA LEU E 295 -18.62 -4.78 -35.59
C LEU E 295 -17.59 -5.27 -34.58
N ASN E 296 -16.68 -6.16 -35.00
CA ASN E 296 -15.62 -6.60 -34.09
C ASN E 296 -14.71 -5.44 -33.72
N SER E 297 -14.44 -4.54 -34.67
CA SER E 297 -13.63 -3.36 -34.35
C SER E 297 -14.36 -2.46 -33.37
N THR E 298 -15.69 -2.39 -33.46
CA THR E 298 -16.47 -1.63 -32.49
C THR E 298 -16.36 -2.25 -31.10
N PHE E 299 -16.46 -3.57 -31.02
CA PHE E 299 -16.55 -4.24 -29.72
C PHE E 299 -15.19 -4.55 -29.09
N ASN E 300 -14.09 -4.46 -29.84
CA ASN E 300 -12.78 -4.70 -29.24
C ASN E 300 -12.42 -3.72 -28.13
N PRO E 301 -12.53 -2.39 -28.33
CA PRO E 301 -12.19 -1.48 -27.22
C PRO E 301 -13.02 -1.74 -25.98
N MET E 302 -14.32 -1.98 -26.14
CA MET E 302 -15.16 -2.29 -25.00
C MET E 302 -14.61 -3.46 -24.21
N VAL E 303 -14.54 -4.64 -24.85
CA VAL E 303 -14.16 -5.87 -24.17
C VAL E 303 -12.76 -5.75 -23.56
N TYR E 304 -11.82 -5.17 -24.29
CA TYR E 304 -10.43 -5.25 -23.85
C TYR E 304 -9.99 -4.09 -22.97
N ALA E 305 -10.75 -2.99 -22.90
CA ALA E 305 -10.39 -1.89 -22.01
C ALA E 305 -11.48 -1.60 -20.98
N PHE E 306 -12.72 -1.36 -21.41
CA PHE E 306 -13.72 -0.85 -20.49
C PHE E 306 -14.24 -1.94 -19.55
N PHE E 307 -13.98 -3.18 -19.84
CA PHE E 307 -14.42 -4.26 -18.98
C PHE E 307 -13.65 -4.29 -17.69
N TYR E 308 -12.36 -3.98 -17.73
CA TYR E 308 -11.50 -4.10 -16.56
C TYR E 308 -11.57 -2.84 -15.70
N PRO E 309 -11.38 -2.96 -14.39
CA PRO E 309 -11.68 -1.82 -13.50
C PRO E 309 -10.64 -0.72 -13.55
N TRP E 310 -9.39 -1.02 -13.89
CA TRP E 310 -8.35 0.02 -13.88
C TRP E 310 -8.62 1.06 -14.96
N PHE E 311 -9.08 0.62 -16.13
CA PHE E 311 -9.38 1.57 -17.20
C PHE E 311 -10.56 2.46 -16.83
N ARG E 312 -11.60 1.88 -16.23
CA ARG E 312 -12.74 2.66 -15.79
C ARG E 312 -12.34 3.65 -14.70
N LYS E 313 -11.46 3.22 -13.79
CA LYS E 313 -10.97 4.14 -12.76
C LYS E 313 -10.18 5.28 -13.36
N ALA E 314 -9.35 4.99 -14.37
CA ALA E 314 -8.62 6.05 -15.05
C ALA E 314 -9.56 7.03 -15.74
N LEU E 315 -10.60 6.52 -16.40
CA LEU E 315 -11.57 7.40 -17.04
C LEU E 315 -12.31 8.25 -16.02
N LYS E 316 -12.69 7.65 -14.89
CA LYS E 316 -13.38 8.41 -13.85
C LYS E 316 -12.46 9.47 -13.23
N MET E 317 -11.18 9.16 -13.07
CA MET E 317 -10.24 10.16 -12.59
C MET E 317 -10.07 11.30 -13.60
N MET E 318 -10.05 10.98 -14.90
CA MET E 318 -9.99 12.02 -15.92
C MET E 318 -11.23 12.90 -15.87
C12 T5U F . -10.56 -9.22 -44.05
C16 T5U F . -9.49 -11.27 -44.77
C14 T5U F . -10.50 -11.43 -45.71
C13 T5U F . -13.52 -5.92 -41.64
C04 T5U F . -12.68 -8.37 -45.16
C05 T5U F . -13.75 -8.46 -44.03
C06 T5U F . -14.18 -7.11 -43.43
C07 T5U F . -13.37 -8.53 -46.54
C08 T5U F . -11.56 -9.36 -45.01
C09 T5U F . -15.23 -7.23 -42.27
C10 T5U F . -12.75 -7.67 -47.64
C11 T5U F . -11.51 -10.50 -45.83
C15 T5U F . -9.54 -10.15 -43.94
N02 T5U F . -13.09 -6.31 -42.85
N03 T5U F . -12.87 -5.16 -40.72
O01 T5U F . -14.79 -6.33 -41.28
#